data_4HBP
#
_entry.id   4HBP
#
_cell.length_a   103.920
_cell.length_b   103.920
_cell.length_c   251.965
_cell.angle_alpha   90.00
_cell.angle_beta   90.00
_cell.angle_gamma   120.00
#
_symmetry.space_group_name_H-M   'P 32 2 1'
#
loop_
_entity.id
_entity.type
_entity.pdbx_description
1 polymer 'Fatty-acid amide hydrolase 1'
2 non-polymer 4-(3-phenyl-1,2,4-thiadiazol-5-yl)-N-(pyridin-3-yl)piperazine-1-carboxamide
3 water water
#
_entity_poly.entity_id   1
_entity_poly.type   'polypeptide(L)'
_entity_poly.pdbx_seq_one_letter_code
;RWTGRQKARGAATRARQKQRASLETMDKAVQRFRLQNPDLDSEALLTLPLLQLVQKLQSGELSPEAVFFTYLGKAWEVNK
GTNCVTSYLTDCETQLSQAPRQGLLYGVPVSLKECFSYKGHDSTLGLSLNEGMPSESDCVVVQVLKLQGAVPFVHTNVPQ
SMLSFDCSNPLFGQTMNPWKSSKSPGGSSGGEGALIGSGGSPLGLGTDIGGSIRFPSAFCGICGLKPTGNRLSKSGLKGC
VYGQTAVQLSLGPMARDVESLALCLKALLCEHLFTLDPTVPPLPFREEVYRSSRPLRVGYYETDNYTMPSPAMRRALIET
KQRLEAAGHTLIPFLPNNIPYALEVLSAGGLFSDGGRSFLQNFKGDFVDPCLGDLILILRLPSWFKRLLSLLLKPLFPRL
AAFLNSMRPRSAEKLWKLQHEIEMYRQSVIAQWKAMNLDVLLTPMLGPALDLNTPGRATGAISYTVLYNCLDFPAGVVPV
TTVTAEDDAQMELYKGYFGDIWDIILKKAMKNSVGLPVAVQCVALPWQEELCLRFMREVEQLMTPQKQPS
;
_entity_poly.pdbx_strand_id   A,B
#
# COMPACT_ATOMS: atom_id res chain seq x y z
N ALA A 8 -0.65 -11.57 -39.74
CA ALA A 8 -0.56 -10.37 -38.85
C ALA A 8 0.31 -10.65 -37.62
N ARG A 9 -0.01 -11.74 -36.93
CA ARG A 9 0.83 -12.25 -35.84
C ARG A 9 1.97 -13.08 -36.42
N GLY A 10 1.84 -13.44 -37.69
CA GLY A 10 2.88 -14.14 -38.45
C GLY A 10 4.22 -13.41 -38.44
N ALA A 11 4.17 -12.08 -38.32
CA ALA A 11 5.37 -11.27 -38.15
C ALA A 11 5.89 -11.35 -36.69
N ALA A 12 6.10 -12.59 -36.25
CA ALA A 12 6.94 -12.92 -35.10
C ALA A 12 8.35 -13.19 -35.64
N THR A 13 8.47 -13.21 -36.96
CA THR A 13 9.76 -13.29 -37.64
C THR A 13 10.54 -11.99 -37.46
N ARG A 14 9.81 -10.88 -37.38
CA ARG A 14 10.39 -9.56 -37.09
C ARG A 14 11.11 -9.55 -35.74
N ALA A 15 10.49 -10.16 -34.73
CA ALA A 15 11.08 -10.28 -33.40
C ALA A 15 12.27 -11.23 -33.41
N ARG A 16 12.20 -12.26 -34.26
CA ARG A 16 13.20 -13.30 -34.31
C ARG A 16 14.48 -12.84 -35.00
N GLN A 17 14.34 -12.01 -36.03
CA GLN A 17 15.51 -11.44 -36.72
C GLN A 17 16.14 -10.31 -35.90
N LYS A 18 15.35 -9.69 -35.04
CA LYS A 18 15.86 -8.71 -34.08
C LYS A 18 16.69 -9.41 -33.00
N GLN A 19 16.16 -10.52 -32.47
CA GLN A 19 16.86 -11.38 -31.52
C GLN A 19 18.17 -11.91 -32.11
N ARG A 20 18.13 -12.29 -33.38
CA ARG A 20 19.30 -12.81 -34.09
C ARG A 20 20.37 -11.73 -34.26
N ALA A 21 19.95 -10.49 -34.51
CA ALA A 21 20.87 -9.37 -34.67
C ALA A 21 21.54 -8.99 -33.34
N SER A 22 20.77 -9.06 -32.25
CA SER A 22 21.31 -8.83 -30.91
C SER A 22 22.42 -9.82 -30.59
N LEU A 23 22.15 -11.10 -30.81
CA LEU A 23 23.13 -12.16 -30.63
C LEU A 23 24.40 -11.96 -31.46
N GLU A 24 24.25 -11.50 -32.70
CA GLU A 24 25.38 -11.24 -33.58
C GLU A 24 26.22 -10.04 -33.09
N THR A 25 25.54 -9.03 -32.53
CA THR A 25 26.23 -7.86 -31.98
C THR A 25 27.05 -8.25 -30.74
N MET A 26 26.47 -9.12 -29.91
CA MET A 26 27.15 -9.67 -28.73
C MET A 26 28.41 -10.40 -29.13
N ASP A 27 28.25 -11.36 -30.04
CA ASP A 27 29.35 -12.18 -30.54
C ASP A 27 30.51 -11.33 -31.09
N LYS A 28 30.16 -10.28 -31.82
CA LYS A 28 31.15 -9.35 -32.40
C LYS A 28 31.88 -8.57 -31.31
N ALA A 29 31.14 -8.12 -30.30
CA ALA A 29 31.70 -7.35 -29.18
C ALA A 29 32.66 -8.20 -28.35
N VAL A 30 32.22 -9.40 -27.99
CA VAL A 30 33.02 -10.36 -27.21
C VAL A 30 34.33 -10.72 -27.91
N GLN A 31 34.24 -10.97 -29.22
CA GLN A 31 35.40 -11.37 -30.01
C GLN A 31 36.39 -10.23 -30.27
N ARG A 32 35.89 -9.00 -30.37
CA ARG A 32 36.75 -7.82 -30.51
C ARG A 32 37.49 -7.55 -29.20
N PHE A 33 36.88 -7.94 -28.09
CA PHE A 33 37.49 -7.82 -26.76
C PHE A 33 38.48 -8.96 -26.48
N ARG A 34 38.10 -10.18 -26.84
CA ARG A 34 38.95 -11.35 -26.62
C ARG A 34 40.29 -11.29 -27.37
N LEU A 35 40.28 -10.64 -28.53
CA LEU A 35 41.50 -10.38 -29.30
C LEU A 35 42.40 -9.37 -28.61
N GLN A 36 41.77 -8.42 -27.93
CA GLN A 36 42.47 -7.34 -27.22
C GLN A 36 43.11 -7.81 -25.92
N ASN A 37 42.46 -8.78 -25.26
CA ASN A 37 42.94 -9.32 -23.99
C ASN A 37 43.14 -10.84 -24.03
N PRO A 38 44.19 -11.33 -24.70
CA PRO A 38 44.34 -12.78 -24.82
C PRO A 38 44.87 -13.45 -23.55
N ASP A 39 45.37 -12.66 -22.61
CA ASP A 39 45.94 -13.19 -21.38
C ASP A 39 44.96 -13.17 -20.19
N LEU A 40 43.73 -12.74 -20.43
CA LEU A 40 42.71 -12.70 -19.38
C LEU A 40 42.20 -14.10 -19.05
N ASP A 41 42.05 -14.37 -17.75
CA ASP A 41 41.54 -15.67 -17.29
C ASP A 41 40.03 -15.61 -17.09
N SER A 42 39.31 -16.17 -18.05
CA SER A 42 37.85 -16.17 -18.03
C SER A 42 37.27 -17.13 -16.99
N GLU A 43 37.85 -18.33 -16.92
CA GLU A 43 37.38 -19.37 -15.98
C GLU A 43 37.45 -18.91 -14.52
N ALA A 44 38.55 -18.26 -14.15
CA ALA A 44 38.74 -17.77 -12.78
C ALA A 44 37.84 -16.59 -12.46
N LEU A 45 37.51 -15.80 -13.47
CA LEU A 45 36.69 -14.60 -13.32
C LEU A 45 35.22 -14.94 -13.13
N LEU A 46 34.72 -15.89 -13.91
CA LEU A 46 33.31 -16.28 -13.89
C LEU A 46 32.90 -17.03 -12.63
N THR A 47 33.84 -17.74 -12.01
CA THR A 47 33.57 -18.55 -10.82
C THR A 47 33.66 -17.77 -9.51
N LEU A 48 33.85 -16.45 -9.62
CA LEU A 48 33.89 -15.58 -8.45
C LEU A 48 32.49 -15.21 -7.97
N PRO A 49 32.22 -15.40 -6.66
CA PRO A 49 30.97 -14.95 -6.05
C PRO A 49 30.88 -13.42 -6.09
N LEU A 50 29.67 -12.90 -6.27
CA LEU A 50 29.46 -11.45 -6.48
C LEU A 50 30.13 -10.55 -5.44
N LEU A 51 30.19 -10.99 -4.19
CA LEU A 51 30.83 -10.21 -3.13
C LEU A 51 32.32 -10.00 -3.41
N GLN A 52 33.03 -11.08 -3.73
CA GLN A 52 34.44 -11.01 -4.07
C GLN A 52 34.67 -10.31 -5.40
N LEU A 53 33.69 -10.43 -6.30
CA LEU A 53 33.73 -9.77 -7.60
C LEU A 53 33.65 -8.25 -7.46
N VAL A 54 32.69 -7.77 -6.65
CA VAL A 54 32.47 -6.33 -6.48
C VAL A 54 33.60 -5.62 -5.73
N GLN A 55 34.20 -6.29 -4.75
CA GLN A 55 35.31 -5.70 -4.00
C GLN A 55 36.63 -5.72 -4.77
N LYS A 56 36.70 -6.58 -5.81
CA LYS A 56 37.83 -6.56 -6.73
C LYS A 56 37.64 -5.46 -7.80
N LEU A 57 36.39 -5.16 -8.12
CA LEU A 57 36.04 -3.99 -8.93
C LEU A 57 36.33 -2.71 -8.15
N GLN A 58 35.82 -2.67 -6.92
CA GLN A 58 35.90 -1.50 -6.04
C GLN A 58 37.34 -1.11 -5.68
N SER A 59 38.21 -2.10 -5.58
CA SER A 59 39.63 -1.86 -5.33
C SER A 59 40.36 -1.47 -6.60
N GLY A 60 39.94 -2.02 -7.72
CA GLY A 60 40.54 -1.73 -9.03
C GLY A 60 41.40 -2.85 -9.56
N GLU A 61 41.37 -4.00 -8.87
CA GLU A 61 42.09 -5.19 -9.31
C GLU A 61 41.49 -5.73 -10.61
N LEU A 62 40.20 -5.46 -10.83
CA LEU A 62 39.53 -5.78 -12.08
C LEU A 62 38.92 -4.54 -12.70
N SER A 63 39.03 -4.43 -14.01
CA SER A 63 38.40 -3.35 -14.75
C SER A 63 36.94 -3.72 -15.05
N PRO A 64 36.05 -2.72 -15.09
CA PRO A 64 34.66 -2.98 -15.47
C PRO A 64 34.52 -3.59 -16.87
N GLU A 65 35.40 -3.21 -17.79
CA GLU A 65 35.44 -3.77 -19.14
C GLU A 65 35.66 -5.28 -19.12
N ALA A 66 36.65 -5.71 -18.34
CA ALA A 66 37.00 -7.12 -18.22
C ALA A 66 35.81 -7.98 -17.79
N VAL A 67 35.17 -7.58 -16.69
CA VAL A 67 34.06 -8.36 -16.12
C VAL A 67 32.79 -8.30 -17.00
N PHE A 68 32.63 -7.23 -17.76
CA PHE A 68 31.46 -7.08 -18.62
C PHE A 68 31.47 -8.03 -19.81
N PHE A 69 32.58 -8.05 -20.55
CA PHE A 69 32.66 -8.87 -21.76
C PHE A 69 32.93 -10.35 -21.48
N THR A 70 33.50 -10.64 -20.31
CA THR A 70 33.65 -12.01 -19.82
C THR A 70 32.27 -12.60 -19.55
N TYR A 71 31.42 -11.82 -18.88
CA TYR A 71 30.04 -12.25 -18.63
C TYR A 71 29.17 -12.24 -19.87
N LEU A 72 29.40 -11.26 -20.75
CA LEU A 72 28.73 -11.19 -22.05
C LEU A 72 29.11 -12.41 -22.88
N GLY A 73 30.35 -12.85 -22.72
CA GLY A 73 30.87 -14.03 -23.41
C GLY A 73 30.15 -15.29 -22.99
N LYS A 74 30.07 -15.52 -21.68
CA LYS A 74 29.39 -16.68 -21.12
C LYS A 74 27.91 -16.68 -21.50
N ALA A 75 27.30 -15.49 -21.43
CA ALA A 75 25.88 -15.31 -21.75
C ALA A 75 25.55 -15.83 -23.15
N TRP A 76 26.40 -15.48 -24.13
CA TRP A 76 26.23 -15.92 -25.51
C TRP A 76 26.39 -17.44 -25.62
N GLU A 77 27.32 -17.99 -24.85
CA GLU A 77 27.61 -19.42 -24.83
C GLU A 77 26.48 -20.24 -24.20
N VAL A 78 26.01 -19.81 -23.03
CA VAL A 78 24.94 -20.53 -22.34
C VAL A 78 23.58 -20.35 -23.03
N ASN A 79 23.43 -19.28 -23.82
CA ASN A 79 22.23 -19.03 -24.60
C ASN A 79 22.01 -20.07 -25.69
N LYS A 80 23.11 -20.59 -26.24
CA LYS A 80 23.05 -21.57 -27.33
C LYS A 80 22.32 -22.85 -26.92
N GLY A 81 22.40 -23.20 -25.64
CA GLY A 81 21.76 -24.40 -25.13
C GLY A 81 20.48 -24.13 -24.34
N THR A 82 20.18 -22.86 -24.10
CA THR A 82 19.04 -22.52 -23.24
C THR A 82 18.00 -21.58 -23.87
N ASN A 83 18.42 -20.76 -24.83
CA ASN A 83 17.55 -19.77 -25.49
C ASN A 83 16.84 -18.87 -24.47
N CYS A 84 17.64 -18.08 -23.75
CA CYS A 84 17.11 -17.28 -22.65
C CYS A 84 17.26 -15.78 -22.89
N VAL A 85 18.14 -15.41 -23.83
CA VAL A 85 18.36 -14.00 -24.14
C VAL A 85 17.47 -13.57 -25.31
N THR A 86 16.58 -12.62 -25.08
CA THR A 86 15.70 -12.09 -26.13
C THR A 86 16.28 -10.89 -26.88
N SER A 87 16.98 -10.00 -26.16
CA SER A 87 17.76 -8.94 -26.82
C SER A 87 18.94 -8.43 -25.99
N TYR A 88 19.89 -7.80 -26.67
CA TYR A 88 21.09 -7.25 -26.08
C TYR A 88 20.94 -5.74 -25.92
N LEU A 89 21.15 -5.25 -24.71
CA LEU A 89 20.91 -3.84 -24.39
C LEU A 89 22.09 -2.95 -24.78
N LEU A 96 29.37 1.70 -18.77
CA LEU A 96 30.80 1.48 -18.53
C LEU A 96 31.59 2.79 -18.57
N SER A 97 31.41 3.55 -19.65
CA SER A 97 32.10 4.82 -19.85
C SER A 97 31.61 5.93 -18.92
N GLN A 98 30.51 5.65 -18.21
CA GLN A 98 29.94 6.63 -17.28
C GLN A 98 29.67 6.04 -15.88
N ALA A 99 29.72 4.70 -15.78
CA ALA A 99 29.44 3.97 -14.52
C ALA A 99 30.04 4.66 -13.28
N PRO A 100 29.17 5.14 -12.36
CA PRO A 100 29.57 5.87 -11.16
C PRO A 100 30.43 5.07 -10.18
N ARG A 101 31.61 5.62 -9.87
CA ARG A 101 32.64 4.97 -9.05
C ARG A 101 32.19 4.64 -7.62
N GLN A 102 31.46 5.57 -6.99
CA GLN A 102 31.03 5.44 -5.60
C GLN A 102 29.94 4.37 -5.38
N GLY A 103 29.35 3.88 -6.46
CA GLY A 103 28.24 2.93 -6.40
C GLY A 103 28.58 1.54 -5.86
N LEU A 104 27.63 0.95 -5.15
CA LEU A 104 27.79 -0.37 -4.52
C LEU A 104 27.81 -1.52 -5.52
N LEU A 105 27.41 -1.25 -6.76
CA LEU A 105 27.44 -2.26 -7.82
C LEU A 105 28.27 -1.77 -9.01
N TYR A 106 29.37 -1.09 -8.70
CA TYR A 106 30.16 -0.33 -9.68
C TYR A 106 30.36 -0.99 -11.05
N GLY A 107 30.85 -2.23 -11.09
CA GLY A 107 31.15 -2.85 -12.38
C GLY A 107 30.25 -4.01 -12.76
N VAL A 108 29.20 -4.23 -11.98
CA VAL A 108 28.38 -5.44 -12.06
C VAL A 108 27.43 -5.46 -13.26
N PRO A 109 27.56 -6.48 -14.13
CA PRO A 109 26.56 -6.69 -15.17
C PRO A 109 25.30 -7.34 -14.59
N VAL A 110 24.14 -6.75 -14.87
CA VAL A 110 22.85 -7.26 -14.39
C VAL A 110 21.96 -7.67 -15.56
N SER A 111 21.37 -8.86 -15.47
CA SER A 111 20.39 -9.29 -16.46
C SER A 111 18.98 -8.88 -16.04
N LEU A 112 18.14 -8.52 -17.01
CA LEU A 112 16.79 -8.05 -16.73
C LEU A 112 15.73 -8.94 -17.38
N LYS A 113 14.69 -9.25 -16.61
CA LYS A 113 13.49 -9.86 -17.17
C LYS A 113 12.89 -8.87 -18.18
N GLU A 114 12.32 -9.40 -19.27
CA GLU A 114 11.85 -8.58 -20.40
C GLU A 114 10.85 -7.48 -20.02
N CYS A 115 10.03 -7.71 -19.00
CA CYS A 115 9.01 -6.75 -18.58
C CYS A 115 9.57 -5.47 -17.96
N PHE A 116 10.84 -5.49 -17.57
CA PHE A 116 11.54 -4.30 -17.09
C PHE A 116 11.87 -3.40 -18.27
N SER A 117 11.16 -2.28 -18.37
CA SER A 117 11.27 -1.41 -19.55
C SER A 117 12.65 -0.73 -19.65
N TYR A 118 13.18 -0.72 -20.87
CA TYR A 118 14.51 -0.21 -21.16
C TYR A 118 14.46 0.67 -22.41
N LYS A 119 15.09 1.84 -22.35
CA LYS A 119 14.99 2.84 -23.41
C LYS A 119 15.38 2.30 -24.79
N GLY A 120 14.45 2.42 -25.74
CA GLY A 120 14.66 1.97 -27.12
C GLY A 120 14.53 0.47 -27.32
N HIS A 121 13.95 -0.22 -26.35
CA HIS A 121 13.80 -1.68 -26.43
C HIS A 121 12.37 -2.12 -26.15
N ASP A 122 12.01 -3.25 -26.74
CA ASP A 122 10.69 -3.82 -26.59
C ASP A 122 10.48 -4.50 -25.25
N SER A 123 9.28 -4.41 -24.73
CA SER A 123 8.85 -5.30 -23.67
C SER A 123 7.68 -6.12 -24.21
N THR A 124 7.95 -6.90 -25.26
CA THR A 124 6.96 -7.79 -25.86
C THR A 124 6.78 -8.98 -24.94
N LEU A 125 5.77 -8.93 -24.09
CA LEU A 125 5.59 -9.98 -23.09
C LEU A 125 5.40 -11.36 -23.72
N GLY A 126 5.64 -11.46 -25.03
CA GLY A 126 5.41 -12.66 -25.80
C GLY A 126 4.31 -12.45 -26.82
N LEU A 127 3.64 -11.29 -26.73
CA LEU A 127 2.49 -10.97 -27.58
C LEU A 127 2.86 -10.14 -28.80
N SER A 128 2.19 -10.40 -29.91
CA SER A 128 2.35 -9.64 -31.16
C SER A 128 1.97 -8.19 -30.98
N LEU A 129 0.97 -7.95 -30.12
CA LEU A 129 0.44 -6.63 -29.83
C LEU A 129 1.51 -5.62 -29.36
N ASN A 130 2.58 -6.15 -28.76
CA ASN A 130 3.64 -5.32 -28.19
C ASN A 130 4.92 -5.28 -29.03
N GLU A 131 4.86 -5.83 -30.23
CA GLU A 131 6.04 -6.02 -31.08
C GLU A 131 6.80 -4.74 -31.45
N GLY A 132 6.25 -3.90 -32.31
CA GLY A 132 6.96 -2.70 -32.76
C GLY A 132 6.84 -1.51 -31.82
N MET A 133 6.97 -1.75 -30.51
CA MET A 133 6.72 -0.71 -29.52
C MET A 133 7.85 -0.60 -28.47
N PRO A 134 8.91 0.16 -28.80
CA PRO A 134 10.02 0.32 -27.86
C PRO A 134 9.68 1.25 -26.71
N SER A 135 10.35 1.09 -25.57
CA SER A 135 10.17 1.99 -24.43
C SER A 135 10.82 3.34 -24.70
N GLU A 136 10.13 4.40 -24.28
CA GLU A 136 10.64 5.75 -24.39
C GLU A 136 11.58 6.06 -23.22
N SER A 137 11.52 5.24 -22.18
CA SER A 137 12.26 5.50 -20.95
C SER A 137 12.63 4.22 -20.18
N ASP A 138 13.69 4.32 -19.37
CA ASP A 138 14.06 3.28 -18.41
C ASP A 138 13.12 3.30 -17.21
N CYS A 139 12.78 2.12 -16.68
CA CYS A 139 11.98 2.07 -15.46
C CYS A 139 12.83 2.41 -14.24
N VAL A 140 12.18 2.82 -13.16
CA VAL A 140 12.84 3.30 -11.95
C VAL A 140 13.99 2.39 -11.47
N VAL A 141 13.74 1.08 -11.39
CA VAL A 141 14.78 0.17 -10.90
C VAL A 141 15.99 0.06 -11.84
N VAL A 142 15.77 0.17 -13.15
CA VAL A 142 16.87 0.21 -14.12
C VAL A 142 17.70 1.49 -13.96
N GLN A 143 17.01 2.61 -13.66
CA GLN A 143 17.68 3.88 -13.40
C GLN A 143 18.55 3.83 -12.14
N VAL A 144 18.05 3.19 -11.09
CA VAL A 144 18.80 3.13 -9.83
C VAL A 144 19.95 2.13 -9.88
N LEU A 145 19.82 1.11 -10.72
CA LEU A 145 20.92 0.18 -10.96
C LEU A 145 22.08 0.90 -11.64
N LYS A 146 21.76 1.65 -12.68
CA LYS A 146 22.76 2.43 -13.40
C LYS A 146 23.41 3.48 -12.50
N LEU A 147 22.60 4.16 -11.69
CA LEU A 147 23.08 5.17 -10.74
C LEU A 147 23.94 4.56 -9.64
N GLN A 148 23.76 3.27 -9.38
CA GLN A 148 24.56 2.54 -8.41
C GLN A 148 25.78 1.88 -9.08
N GLY A 149 25.95 2.10 -10.38
CA GLY A 149 27.11 1.58 -11.12
C GLY A 149 26.84 0.37 -12.01
N ALA A 150 25.76 -0.36 -11.73
CA ALA A 150 25.43 -1.58 -12.47
C ALA A 150 25.26 -1.37 -13.97
N VAL A 151 25.50 -2.43 -14.74
CA VAL A 151 25.35 -2.40 -16.19
C VAL A 151 24.35 -3.46 -16.65
N PRO A 152 23.07 -3.08 -16.79
CA PRO A 152 22.07 -3.98 -17.37
C PRO A 152 22.44 -4.31 -18.82
N PHE A 153 22.62 -5.60 -19.11
CA PHE A 153 23.16 -6.00 -20.42
C PHE A 153 22.24 -6.82 -21.32
N VAL A 154 21.33 -7.59 -20.74
CA VAL A 154 20.41 -8.41 -21.52
C VAL A 154 18.96 -8.38 -21.04
N HIS A 155 18.03 -8.49 -21.97
CA HIS A 155 16.64 -8.85 -21.67
C HIS A 155 16.51 -10.36 -21.77
N THR A 156 15.87 -10.97 -20.78
CA THR A 156 15.70 -12.42 -20.76
C THR A 156 14.26 -12.83 -21.02
N ASN A 157 14.10 -14.05 -21.55
CA ASN A 157 12.82 -14.57 -22.05
C ASN A 157 11.75 -14.79 -20.97
N VAL A 158 10.49 -14.73 -21.40
CA VAL A 158 9.33 -14.94 -20.54
C VAL A 158 8.30 -15.79 -21.31
N PRO A 159 7.45 -16.55 -20.58
CA PRO A 159 6.31 -17.21 -21.22
C PRO A 159 5.31 -16.20 -21.79
N GLN A 160 4.50 -16.63 -22.76
CA GLN A 160 3.71 -15.74 -23.62
C GLN A 160 2.99 -14.57 -22.95
N SER A 161 2.38 -14.79 -21.80
CA SER A 161 1.70 -13.68 -21.14
C SER A 161 2.24 -13.37 -19.75
N MET A 162 3.34 -14.03 -19.39
CA MET A 162 3.88 -14.01 -18.03
C MET A 162 2.99 -14.77 -17.04
N LEU A 163 1.87 -15.29 -17.54
CA LEU A 163 0.96 -16.05 -16.71
C LEU A 163 1.16 -17.55 -16.96
N SER A 164 2.36 -18.02 -16.63
CA SER A 164 2.75 -19.42 -16.78
C SER A 164 4.04 -19.63 -16.02
N PHE A 165 4.17 -20.75 -15.31
CA PHE A 165 5.45 -21.07 -14.70
C PHE A 165 6.30 -22.01 -15.58
N ASP A 166 6.01 -21.94 -16.88
CA ASP A 166 6.85 -22.48 -17.94
C ASP A 166 7.52 -21.27 -18.58
N CYS A 167 8.20 -21.44 -19.71
CA CYS A 167 8.87 -20.31 -20.35
C CYS A 167 8.95 -20.42 -21.88
N SER A 168 7.85 -20.10 -22.54
CA SER A 168 7.75 -20.22 -24.00
C SER A 168 6.78 -19.20 -24.58
N ASN A 169 7.12 -18.66 -25.75
CA ASN A 169 6.24 -17.74 -26.48
C ASN A 169 6.51 -17.80 -28.00
N PRO A 170 5.48 -17.51 -28.82
CA PRO A 170 5.58 -17.63 -30.28
C PRO A 170 6.54 -16.64 -30.94
N LEU A 171 7.08 -15.70 -30.18
CA LEU A 171 7.99 -14.70 -30.74
C LEU A 171 9.46 -15.10 -30.64
N PHE A 172 9.94 -15.35 -29.42
CA PHE A 172 11.35 -15.67 -29.20
C PHE A 172 11.61 -17.16 -28.96
N GLY A 173 10.54 -17.95 -28.90
CA GLY A 173 10.65 -19.39 -28.77
C GLY A 173 10.64 -19.90 -27.35
N GLN A 174 11.30 -21.03 -27.15
CA GLN A 174 11.25 -21.77 -25.90
C GLN A 174 12.57 -21.73 -25.14
N THR A 175 12.48 -21.45 -23.84
CA THR A 175 13.65 -21.46 -22.96
C THR A 175 13.73 -22.80 -22.24
N MET A 176 14.94 -23.34 -22.15
CA MET A 176 15.17 -24.65 -21.56
C MET A 176 16.02 -24.57 -20.31
N ASN A 177 15.83 -25.55 -19.43
CA ASN A 177 16.57 -25.65 -18.17
C ASN A 177 18.03 -26.01 -18.46
N PRO A 178 18.98 -25.23 -17.90
CA PRO A 178 20.41 -25.45 -18.12
C PRO A 178 20.93 -26.78 -17.57
N TRP A 179 20.14 -27.43 -16.71
CA TRP A 179 20.49 -28.74 -16.15
C TRP A 179 20.02 -29.89 -17.03
N LYS A 180 18.79 -29.82 -17.54
CA LYS A 180 18.23 -30.86 -18.39
C LYS A 180 17.37 -30.24 -19.47
N SER A 181 17.70 -30.54 -20.73
CA SER A 181 17.06 -29.96 -21.91
C SER A 181 15.54 -30.16 -21.99
N SER A 182 15.08 -31.32 -21.53
CA SER A 182 13.66 -31.66 -21.58
C SER A 182 12.85 -31.01 -20.46
N LYS A 183 13.54 -30.32 -19.55
CA LYS A 183 12.89 -29.70 -18.39
C LYS A 183 12.67 -28.20 -18.56
N SER A 184 11.63 -27.69 -17.92
CA SER A 184 11.34 -26.26 -17.89
C SER A 184 12.28 -25.53 -16.95
N PRO A 185 12.63 -24.27 -17.27
CA PRO A 185 13.42 -23.44 -16.35
C PRO A 185 12.56 -22.75 -15.28
N GLY A 186 11.26 -22.99 -15.31
CA GLY A 186 10.33 -22.25 -14.45
C GLY A 186 9.90 -20.97 -15.13
N GLY A 187 8.95 -20.28 -14.52
CA GLY A 187 8.43 -19.02 -15.05
C GLY A 187 7.73 -18.21 -13.97
N SER A 188 7.47 -16.93 -14.23
CA SER A 188 7.68 -16.30 -15.54
C SER A 188 9.08 -15.73 -15.79
N SER A 189 9.91 -15.68 -14.74
CA SER A 189 11.29 -15.21 -14.87
C SER A 189 12.22 -16.36 -15.30
N GLY A 190 11.79 -17.10 -16.31
CA GLY A 190 12.51 -18.29 -16.78
C GLY A 190 13.86 -18.03 -17.40
N GLY A 191 13.90 -17.10 -18.36
CA GLY A 191 15.15 -16.67 -18.98
C GLY A 191 16.18 -16.28 -17.94
N GLU A 192 15.73 -15.55 -16.91
CA GLU A 192 16.55 -15.19 -15.77
C GLU A 192 17.15 -16.39 -15.05
N GLY A 193 16.28 -17.32 -14.67
CA GLY A 193 16.70 -18.55 -13.98
C GLY A 193 17.71 -19.34 -14.79
N ALA A 194 17.42 -19.51 -16.08
CA ALA A 194 18.28 -20.26 -16.98
C ALA A 194 19.67 -19.61 -17.16
N LEU A 195 19.68 -18.28 -17.30
CA LEU A 195 20.93 -17.54 -17.48
C LEU A 195 21.83 -17.55 -16.23
N ILE A 196 21.27 -17.17 -15.09
CA ILE A 196 22.02 -17.17 -13.82
C ILE A 196 22.38 -18.60 -13.39
N GLY A 197 21.48 -19.54 -13.69
CA GLY A 197 21.69 -20.95 -13.38
C GLY A 197 22.87 -21.60 -14.08
N SER A 198 23.27 -21.04 -15.22
CA SER A 198 24.45 -21.54 -15.94
C SER A 198 25.67 -20.62 -15.83
N GLY A 199 25.55 -19.57 -15.02
CA GLY A 199 26.66 -18.68 -14.74
C GLY A 199 26.85 -17.63 -15.81
N GLY A 200 25.78 -17.34 -16.55
CA GLY A 200 25.81 -16.31 -17.58
C GLY A 200 25.58 -14.90 -17.03
N SER A 201 25.12 -14.83 -15.78
CA SER A 201 24.89 -13.55 -15.09
C SER A 201 25.07 -13.72 -13.58
N PRO A 202 25.74 -12.74 -12.94
CA PRO A 202 25.95 -12.82 -11.48
C PRO A 202 24.75 -12.32 -10.68
N LEU A 203 23.82 -11.63 -11.34
CA LEU A 203 22.67 -11.03 -10.70
C LEU A 203 21.62 -10.66 -11.74
N GLY A 204 20.35 -10.83 -11.37
CA GLY A 204 19.24 -10.51 -12.26
C GLY A 204 18.01 -10.05 -11.49
N LEU A 205 17.11 -9.38 -12.20
CA LEU A 205 15.85 -8.92 -11.62
C LEU A 205 14.67 -9.62 -12.27
N GLY A 206 13.74 -10.07 -11.42
CA GLY A 206 12.51 -10.70 -11.88
C GLY A 206 11.29 -10.13 -11.17
N THR A 207 10.12 -10.57 -11.60
CA THR A 207 8.87 -10.19 -10.94
C THR A 207 8.11 -11.45 -10.53
N ASP A 208 7.21 -11.29 -9.56
CA ASP A 208 6.57 -12.41 -8.90
C ASP A 208 5.19 -11.99 -8.41
N ILE A 209 4.15 -12.46 -9.10
CA ILE A 209 2.77 -12.25 -8.67
C ILE A 209 2.12 -13.56 -8.15
N GLY A 210 2.81 -14.69 -8.37
CA GLY A 210 2.34 -15.99 -7.90
C GLY A 210 3.43 -17.05 -7.82
N GLY A 211 4.69 -16.61 -7.68
CA GLY A 211 5.82 -17.53 -7.58
C GLY A 211 6.85 -17.38 -8.69
N SER A 212 6.71 -16.32 -9.48
CA SER A 212 7.49 -16.16 -10.70
C SER A 212 8.97 -15.78 -10.53
N ILE A 213 9.37 -15.50 -9.29
CA ILE A 213 10.77 -15.38 -8.94
C ILE A 213 11.23 -16.73 -8.38
N ARG A 214 10.34 -17.37 -7.63
CA ARG A 214 10.66 -18.56 -6.86
C ARG A 214 10.71 -19.85 -7.68
N PHE A 215 9.75 -20.04 -8.59
CA PHE A 215 9.78 -21.17 -9.52
C PHE A 215 11.10 -21.26 -10.31
N PRO A 216 11.48 -20.20 -11.04
CA PRO A 216 12.70 -20.30 -11.85
C PRO A 216 13.96 -20.43 -10.99
N SER A 217 13.95 -19.87 -9.79
CA SER A 217 15.08 -19.99 -8.89
C SER A 217 15.24 -21.43 -8.42
N ALA A 218 14.13 -22.06 -8.05
CA ALA A 218 14.13 -23.42 -7.53
C ALA A 218 14.45 -24.42 -8.63
N PHE A 219 13.87 -24.21 -9.82
CA PHE A 219 14.03 -25.10 -10.96
C PHE A 219 15.45 -25.09 -11.51
N CYS A 220 16.10 -23.92 -11.48
CA CYS A 220 17.44 -23.77 -12.03
C CYS A 220 18.54 -23.77 -10.97
N GLY A 221 18.15 -23.97 -9.71
CA GLY A 221 19.11 -24.11 -8.61
C GLY A 221 19.81 -22.85 -8.17
N ILE A 222 19.07 -21.74 -8.12
CA ILE A 222 19.62 -20.45 -7.68
C ILE A 222 18.77 -19.81 -6.58
N CYS A 223 19.27 -18.73 -5.99
CA CYS A 223 18.57 -17.99 -4.95
C CYS A 223 17.70 -16.89 -5.52
N GLY A 224 16.54 -16.68 -4.92
CA GLY A 224 15.65 -15.60 -5.31
C GLY A 224 14.90 -15.07 -4.12
N LEU A 225 14.54 -13.79 -4.15
CA LEU A 225 13.73 -13.18 -3.12
C LEU A 225 12.56 -12.40 -3.69
N LYS A 226 11.36 -12.67 -3.17
CA LYS A 226 10.19 -11.87 -3.47
C LYS A 226 9.90 -11.01 -2.24
N PRO A 227 10.24 -9.71 -2.30
CA PRO A 227 10.00 -8.80 -1.19
C PRO A 227 8.52 -8.53 -0.99
N THR A 228 8.19 -7.73 0.03
CA THR A 228 6.85 -7.21 0.20
C THR A 228 6.54 -6.38 -1.05
N GLY A 229 5.32 -6.50 -1.56
CA GLY A 229 4.89 -5.88 -2.81
C GLY A 229 5.42 -4.48 -3.07
N ASN A 230 5.34 -3.61 -2.07
CA ASN A 230 5.72 -2.22 -2.24
C ASN A 230 7.05 -1.82 -1.57
N ARG A 231 7.96 -2.78 -1.42
CA ARG A 231 9.29 -2.50 -0.89
C ARG A 231 10.16 -1.88 -1.97
N LEU A 232 9.91 -2.30 -3.21
CA LEU A 232 10.61 -1.76 -4.38
C LEU A 232 9.63 -1.13 -5.36
N SER A 233 10.14 -0.33 -6.30
CA SER A 233 9.31 0.40 -7.26
C SER A 233 8.84 -0.45 -8.43
N LYS A 234 7.55 -0.34 -8.75
CA LYS A 234 6.97 -0.99 -9.93
C LYS A 234 6.83 0.00 -11.08
N SER A 235 7.27 1.23 -10.85
CA SER A 235 7.10 2.31 -11.81
C SER A 235 7.85 2.06 -13.12
N GLY A 236 7.12 1.58 -14.13
CA GLY A 236 7.69 1.35 -15.46
C GLY A 236 7.77 -0.12 -15.84
N LEU A 237 7.00 -0.96 -15.15
CA LEU A 237 6.95 -2.38 -15.46
C LEU A 237 5.80 -2.69 -16.40
N LYS A 238 6.11 -3.41 -17.48
CA LYS A 238 5.11 -3.81 -18.46
C LYS A 238 4.36 -5.04 -17.96
N GLY A 239 3.04 -5.01 -18.06
CA GLY A 239 2.19 -6.13 -17.68
C GLY A 239 1.03 -6.27 -18.65
N CYS A 240 0.31 -7.39 -18.56
CA CYS A 240 -0.88 -7.62 -19.38
C CYS A 240 -2.11 -6.95 -18.80
N VAL A 241 -2.17 -6.89 -17.47
CA VAL A 241 -3.33 -6.34 -16.76
C VAL A 241 -2.85 -5.32 -15.72
N TYR A 242 -3.45 -4.13 -15.74
CA TYR A 242 -3.10 -3.09 -14.79
C TYR A 242 -4.25 -2.78 -13.82
N GLY A 243 -3.89 -2.34 -12.61
CA GLY A 243 -4.88 -1.93 -11.61
C GLY A 243 -5.49 -3.06 -10.81
N GLN A 244 -4.87 -4.23 -10.84
CA GLN A 244 -5.26 -5.36 -10.00
C GLN A 244 -4.39 -5.32 -8.76
N THR A 245 -4.99 -5.03 -7.61
CA THR A 245 -4.22 -4.78 -6.39
C THR A 245 -4.51 -5.75 -5.25
N ALA A 246 -5.40 -6.72 -5.48
CA ALA A 246 -5.74 -7.73 -4.48
C ALA A 246 -4.56 -8.68 -4.18
N VAL A 247 -4.11 -9.39 -5.22
CA VAL A 247 -2.94 -10.24 -5.13
C VAL A 247 -1.72 -9.42 -5.57
N GLN A 248 -0.79 -9.26 -4.63
CA GLN A 248 0.33 -8.32 -4.78
C GLN A 248 1.43 -8.78 -5.73
N LEU A 249 1.78 -7.91 -6.67
CA LEU A 249 2.94 -8.10 -7.54
C LEU A 249 4.18 -7.57 -6.85
N SER A 250 5.27 -8.34 -6.92
CA SER A 250 6.53 -7.95 -6.31
C SER A 250 7.70 -8.19 -7.26
N LEU A 251 8.67 -7.30 -7.23
CA LEU A 251 9.92 -7.52 -7.96
C LEU A 251 11.07 -7.71 -6.98
N GLY A 252 12.07 -8.49 -7.38
CA GLY A 252 13.18 -8.79 -6.50
C GLY A 252 14.35 -9.41 -7.23
N PRO A 253 15.47 -9.56 -6.52
CA PRO A 253 16.72 -10.05 -7.10
C PRO A 253 16.79 -11.57 -7.26
N MET A 254 17.63 -12.02 -8.19
CA MET A 254 17.95 -13.43 -8.39
C MET A 254 19.46 -13.57 -8.58
N ALA A 255 20.06 -14.52 -7.86
CA ALA A 255 21.51 -14.67 -7.84
C ALA A 255 21.94 -16.08 -7.45
N ARG A 256 23.25 -16.34 -7.50
CA ARG A 256 23.80 -17.66 -7.19
C ARG A 256 23.95 -17.96 -5.69
N ASP A 257 23.90 -16.91 -4.86
CA ASP A 257 23.92 -17.08 -3.41
C ASP A 257 23.11 -15.98 -2.72
N VAL A 258 22.87 -16.13 -1.42
CA VAL A 258 22.03 -15.18 -0.67
C VAL A 258 22.71 -13.82 -0.45
N GLU A 259 24.03 -13.84 -0.26
CA GLU A 259 24.80 -12.62 -0.03
C GLU A 259 24.70 -11.66 -1.21
N SER A 260 24.52 -12.21 -2.41
CA SER A 260 24.32 -11.41 -3.62
C SER A 260 22.94 -10.77 -3.65
N LEU A 261 21.93 -11.50 -3.14
CA LEU A 261 20.58 -10.98 -3.03
C LEU A 261 20.56 -9.80 -2.05
N ALA A 262 21.22 -9.98 -0.91
CA ALA A 262 21.30 -8.97 0.14
C ALA A 262 22.01 -7.71 -0.33
N LEU A 263 23.10 -7.88 -1.07
CA LEU A 263 23.89 -6.77 -1.58
C LEU A 263 23.09 -5.97 -2.59
N CYS A 264 22.33 -6.68 -3.43
CA CYS A 264 21.43 -6.06 -4.39
C CYS A 264 20.35 -5.21 -3.71
N LEU A 265 19.67 -5.78 -2.71
CA LEU A 265 18.66 -5.05 -1.93
C LEU A 265 19.24 -3.80 -1.26
N LYS A 266 20.43 -3.92 -0.67
CA LYS A 266 21.09 -2.78 -0.04
C LYS A 266 21.31 -1.65 -1.04
N ALA A 267 21.68 -2.02 -2.27
CA ALA A 267 21.98 -1.06 -3.33
C ALA A 267 20.71 -0.36 -3.80
N LEU A 268 19.65 -1.14 -4.02
CA LEU A 268 18.36 -0.62 -4.47
C LEU A 268 17.68 0.27 -3.45
N LEU A 269 17.78 -0.11 -2.17
CA LEU A 269 17.15 0.61 -1.06
C LEU A 269 17.96 1.83 -0.62
N CYS A 270 18.02 2.83 -1.48
CA CYS A 270 18.82 4.04 -1.27
C CYS A 270 18.05 5.31 -1.62
N GLU A 271 18.68 6.47 -1.38
CA GLU A 271 18.07 7.78 -1.64
C GLU A 271 17.60 7.97 -3.09
N HIS A 272 18.31 7.36 -4.04
CA HIS A 272 17.93 7.42 -5.45
C HIS A 272 16.57 6.78 -5.71
N LEU A 273 16.33 5.62 -5.09
CA LEU A 273 15.05 4.91 -5.24
C LEU A 273 13.89 5.66 -4.60
N PHE A 274 14.15 6.37 -3.50
CA PHE A 274 13.08 7.04 -2.77
C PHE A 274 12.76 8.43 -3.34
N THR A 275 13.72 9.00 -4.08
CA THR A 275 13.55 10.28 -4.74
C THR A 275 12.82 10.10 -6.07
N LEU A 276 13.24 9.10 -6.85
CA LEU A 276 12.48 8.64 -7.99
C LEU A 276 11.40 7.72 -7.43
N ASP A 277 10.14 7.98 -7.74
CA ASP A 277 9.03 7.20 -7.14
C ASP A 277 8.96 7.30 -5.60
N PRO A 278 8.50 8.45 -5.08
CA PRO A 278 8.32 8.61 -3.63
C PRO A 278 7.15 7.83 -3.02
N THR A 279 6.49 6.98 -3.79
CA THR A 279 5.39 6.16 -3.26
C THR A 279 5.92 4.91 -2.56
N VAL A 280 7.23 4.70 -2.67
CA VAL A 280 7.90 3.59 -2.00
C VAL A 280 8.35 4.05 -0.60
N PRO A 281 7.89 3.37 0.46
CA PRO A 281 8.28 3.73 1.82
C PRO A 281 9.81 3.72 1.98
N PRO A 282 10.38 4.84 2.44
CA PRO A 282 11.84 4.98 2.48
C PRO A 282 12.46 4.18 3.62
N LEU A 283 12.42 2.85 3.49
CA LEU A 283 12.99 1.93 4.46
C LEU A 283 14.37 1.47 4.01
N PRO A 284 15.44 2.04 4.59
CA PRO A 284 16.79 1.60 4.22
C PRO A 284 17.06 0.17 4.70
N PHE A 285 18.01 -0.50 4.04
CA PHE A 285 18.38 -1.88 4.36
C PHE A 285 18.94 -1.98 5.77
N ARG A 286 18.16 -2.58 6.67
CA ARG A 286 18.53 -2.70 8.07
C ARG A 286 19.64 -3.74 8.26
N GLU A 287 20.87 -3.26 8.26
CA GLU A 287 22.07 -4.10 8.33
C GLU A 287 22.16 -4.93 9.60
N GLU A 288 21.79 -4.33 10.73
CA GLU A 288 21.84 -4.99 12.04
C GLU A 288 20.92 -6.21 12.16
N VAL A 289 19.84 -6.23 11.37
CA VAL A 289 18.92 -7.38 11.34
C VAL A 289 19.50 -8.50 10.49
N TYR A 290 19.98 -8.16 9.29
CA TYR A 290 20.55 -9.16 8.38
C TYR A 290 21.81 -9.83 8.93
N ARG A 291 22.68 -9.04 9.55
CA ARG A 291 23.94 -9.55 10.09
C ARG A 291 23.78 -10.19 11.47
N SER A 292 22.55 -10.27 11.96
CA SER A 292 22.28 -10.86 13.28
C SER A 292 22.50 -12.36 13.27
N SER A 293 22.89 -12.91 14.41
CA SER A 293 23.12 -14.35 14.54
C SER A 293 22.47 -14.96 15.79
N ARG A 294 21.46 -14.27 16.32
CA ARG A 294 20.67 -14.80 17.44
C ARG A 294 19.83 -15.99 16.95
N PRO A 295 19.59 -16.99 17.83
CA PRO A 295 18.73 -18.12 17.47
C PRO A 295 17.30 -17.69 17.13
N LEU A 296 16.68 -18.39 16.17
CA LEU A 296 15.38 -18.01 15.62
C LEU A 296 14.29 -19.00 15.95
N ARG A 297 13.08 -18.49 16.14
CA ARG A 297 11.90 -19.33 16.26
C ARG A 297 11.33 -19.56 14.87
N VAL A 298 11.50 -20.78 14.36
CA VAL A 298 11.16 -21.10 12.98
C VAL A 298 9.92 -21.98 12.92
N GLY A 299 8.85 -21.45 12.33
CA GLY A 299 7.66 -22.23 12.02
C GLY A 299 7.91 -23.06 10.76
N TYR A 300 7.34 -24.26 10.70
CA TYR A 300 7.54 -25.10 9.52
C TYR A 300 6.33 -25.95 9.19
N TYR A 301 6.17 -26.25 7.89
CA TYR A 301 5.26 -27.29 7.44
C TYR A 301 5.84 -28.16 6.33
N GLU A 302 5.43 -29.42 6.32
CA GLU A 302 5.97 -30.43 5.44
C GLU A 302 5.11 -30.57 4.18
N THR A 303 3.86 -30.14 4.29
CA THR A 303 2.88 -30.22 3.21
C THR A 303 1.77 -29.20 3.43
N ASP A 304 1.28 -28.59 2.35
CA ASP A 304 0.18 -27.62 2.48
C ASP A 304 -1.20 -28.28 2.41
N ASN A 305 -1.21 -29.61 2.37
CA ASN A 305 -2.45 -30.40 2.25
C ASN A 305 -3.25 -30.08 0.99
N TYR A 306 -2.59 -29.52 -0.01
CA TYR A 306 -3.25 -29.12 -1.25
C TYR A 306 -2.54 -29.72 -2.45
N THR A 307 -1.26 -29.39 -2.58
CA THR A 307 -0.38 -30.04 -3.54
C THR A 307 0.58 -30.93 -2.77
N MET A 308 0.52 -32.23 -3.04
CA MET A 308 1.38 -33.19 -2.38
C MET A 308 2.83 -33.01 -2.79
N PRO A 309 3.73 -32.88 -1.81
CA PRO A 309 5.16 -32.72 -2.08
C PRO A 309 5.72 -33.96 -2.77
N SER A 310 6.69 -33.75 -3.65
CA SER A 310 7.46 -34.85 -4.21
C SER A 310 8.41 -35.38 -3.13
N PRO A 311 8.74 -36.68 -3.16
CA PRO A 311 9.74 -37.22 -2.23
C PRO A 311 10.99 -36.34 -2.13
N ALA A 312 11.39 -35.73 -3.24
CA ALA A 312 12.54 -34.82 -3.26
C ALA A 312 12.30 -33.56 -2.42
N MET A 313 11.10 -32.97 -2.56
CA MET A 313 10.69 -31.82 -1.74
C MET A 313 10.62 -32.15 -0.25
N ARG A 314 9.95 -33.26 0.07
CA ARG A 314 9.77 -33.71 1.45
C ARG A 314 11.12 -33.93 2.15
N ARG A 315 12.04 -34.59 1.47
CA ARG A 315 13.38 -34.85 2.01
C ARG A 315 14.15 -33.55 2.27
N ALA A 316 14.07 -32.62 1.31
CA ALA A 316 14.71 -31.31 1.42
C ALA A 316 14.22 -30.52 2.62
N LEU A 317 12.90 -30.52 2.83
CA LEU A 317 12.28 -29.81 3.94
C LEU A 317 12.66 -30.40 5.29
N ILE A 318 12.60 -31.72 5.43
CA ILE A 318 12.93 -32.41 6.69
C ILE A 318 14.40 -32.22 7.07
N GLU A 319 15.29 -32.34 6.09
CA GLU A 319 16.74 -32.20 6.30
C GLU A 319 17.14 -30.79 6.74
N THR A 320 16.52 -29.78 6.14
CA THR A 320 16.75 -28.39 6.50
C THR A 320 16.25 -28.15 7.92
N LYS A 321 15.06 -28.66 8.21
CA LYS A 321 14.47 -28.60 9.56
C LYS A 321 15.42 -29.15 10.62
N GLN A 322 16.00 -30.32 10.33
CA GLN A 322 16.86 -31.03 11.27
C GLN A 322 18.20 -30.34 11.50
N ARG A 323 18.76 -29.75 10.45
CA ARG A 323 20.00 -28.99 10.56
C ARG A 323 19.81 -27.69 11.34
N LEU A 324 18.67 -27.03 11.13
CA LEU A 324 18.31 -25.83 11.90
C LEU A 324 18.18 -26.14 13.38
N GLU A 325 17.59 -27.29 13.70
CA GLU A 325 17.45 -27.75 15.08
C GLU A 325 18.83 -27.98 15.70
N ALA A 326 19.70 -28.66 14.96
CA ALA A 326 21.08 -28.93 15.40
C ALA A 326 21.90 -27.65 15.55
N ALA A 327 21.52 -26.62 14.80
CA ALA A 327 22.19 -25.32 14.88
C ALA A 327 21.81 -24.56 16.14
N GLY A 328 20.65 -24.87 16.71
CA GLY A 328 20.21 -24.24 17.96
C GLY A 328 18.92 -23.46 17.85
N HIS A 329 18.30 -23.50 16.67
CA HIS A 329 17.00 -22.86 16.47
C HIS A 329 15.88 -23.77 16.95
N THR A 330 14.79 -23.16 17.40
CA THR A 330 13.63 -23.91 17.85
C THR A 330 12.61 -24.02 16.70
N LEU A 331 12.19 -25.26 16.43
CA LEU A 331 11.35 -25.55 15.25
C LEU A 331 9.91 -25.94 15.62
N ILE A 332 8.96 -25.14 15.14
CA ILE A 332 7.57 -25.25 15.55
C ILE A 332 6.68 -25.58 14.36
N PRO A 333 5.89 -26.69 14.45
CA PRO A 333 4.88 -26.99 13.45
C PRO A 333 3.92 -25.82 13.29
N PHE A 334 3.67 -25.42 12.05
CA PHE A 334 2.83 -24.26 11.76
C PHE A 334 2.30 -24.35 10.33
N LEU A 335 1.01 -24.13 10.17
CA LEU A 335 0.39 -24.13 8.85
C LEU A 335 -0.70 -23.06 8.78
N PRO A 336 -0.56 -22.09 7.84
CA PRO A 336 -1.59 -21.08 7.63
C PRO A 336 -2.98 -21.70 7.48
N ASN A 337 -3.96 -21.15 8.20
CA ASN A 337 -5.33 -21.64 8.14
C ASN A 337 -5.94 -21.44 6.76
N ASN A 338 -6.94 -22.27 6.44
CA ASN A 338 -7.75 -22.14 5.22
C ASN A 338 -6.99 -21.87 3.93
N ILE A 339 -5.96 -22.66 3.66
CA ILE A 339 -5.21 -22.56 2.42
C ILE A 339 -6.12 -22.80 1.18
N PRO A 340 -6.93 -23.88 1.17
CA PRO A 340 -7.86 -24.09 0.05
C PRO A 340 -8.72 -22.86 -0.29
N TYR A 341 -9.15 -22.15 0.74
CA TYR A 341 -9.87 -20.89 0.60
C TYR A 341 -8.99 -19.80 -0.02
N ALA A 342 -7.78 -19.64 0.51
CA ALA A 342 -6.86 -18.60 0.06
C ALA A 342 -6.44 -18.71 -1.41
N LEU A 343 -6.38 -19.93 -1.94
CA LEU A 343 -5.98 -20.15 -3.32
C LEU A 343 -7.19 -20.12 -4.25
N GLU A 344 -8.18 -20.95 -3.94
CA GLU A 344 -9.34 -21.14 -4.82
C GLU A 344 -10.23 -19.92 -4.95
N VAL A 345 -10.41 -19.18 -3.87
CA VAL A 345 -11.31 -18.03 -3.90
C VAL A 345 -10.57 -16.69 -3.86
N LEU A 346 -9.59 -16.56 -2.97
CA LEU A 346 -8.87 -15.28 -2.83
C LEU A 346 -7.87 -15.02 -3.96
N SER A 347 -6.93 -15.95 -4.15
CA SER A 347 -5.88 -15.80 -5.16
C SER A 347 -6.39 -15.94 -6.59
N ALA A 348 -7.16 -16.99 -6.84
CA ALA A 348 -7.74 -17.24 -8.16
C ALA A 348 -8.74 -16.14 -8.54
N GLY A 349 -9.55 -15.73 -7.58
CA GLY A 349 -10.55 -14.69 -7.82
C GLY A 349 -9.95 -13.30 -7.94
N GLY A 350 -8.86 -13.08 -7.20
CA GLY A 350 -8.15 -11.81 -7.21
C GLY A 350 -7.49 -11.54 -8.55
N LEU A 351 -6.83 -12.57 -9.08
CA LEU A 351 -6.16 -12.47 -10.37
C LEU A 351 -7.15 -12.44 -11.54
N PHE A 352 -8.36 -12.95 -11.30
CA PHE A 352 -9.36 -13.07 -12.37
C PHE A 352 -10.75 -12.55 -12.00
N SER A 353 -10.78 -11.42 -11.31
CA SER A 353 -12.01 -10.77 -10.87
C SER A 353 -12.93 -10.41 -12.03
N ASP A 354 -12.33 -10.08 -13.19
CA ASP A 354 -13.09 -9.69 -14.36
C ASP A 354 -13.38 -10.87 -15.29
N GLY A 355 -13.05 -12.08 -14.83
CA GLY A 355 -13.22 -13.29 -15.62
C GLY A 355 -12.15 -13.45 -16.68
N GLY A 356 -11.14 -12.58 -16.64
CA GLY A 356 -10.03 -12.61 -17.59
C GLY A 356 -10.29 -11.85 -18.88
N ARG A 357 -11.30 -10.97 -18.87
CA ARG A 357 -11.64 -10.16 -20.05
C ARG A 357 -10.52 -9.21 -20.44
N SER A 358 -9.88 -8.58 -19.45
CA SER A 358 -8.75 -7.68 -19.69
C SER A 358 -7.52 -8.45 -20.14
N PHE A 359 -7.32 -9.63 -19.54
CA PHE A 359 -6.24 -10.53 -19.89
C PHE A 359 -6.36 -10.98 -21.35
N LEU A 360 -7.56 -11.38 -21.74
CA LEU A 360 -7.82 -11.93 -23.07
C LEU A 360 -7.65 -10.90 -24.20
N GLN A 361 -7.58 -9.63 -23.83
CA GLN A 361 -7.43 -8.53 -24.79
C GLN A 361 -6.08 -8.62 -25.52
N ASN A 362 -5.05 -9.05 -24.80
CA ASN A 362 -3.69 -9.20 -25.34
C ASN A 362 -3.53 -10.30 -26.39
N PHE A 363 -4.47 -11.23 -26.41
CA PHE A 363 -4.41 -12.41 -27.28
C PHE A 363 -5.17 -12.27 -28.59
N LYS A 364 -5.92 -11.17 -28.71
CA LYS A 364 -6.75 -10.93 -29.89
C LYS A 364 -5.90 -10.98 -31.17
N GLY A 365 -6.16 -12.01 -31.98
CA GLY A 365 -5.48 -12.19 -33.26
C GLY A 365 -4.06 -12.73 -33.17
N ASP A 366 -3.75 -13.40 -32.06
CA ASP A 366 -2.41 -13.93 -31.80
C ASP A 366 -2.45 -15.45 -31.65
N PHE A 367 -1.29 -16.10 -31.84
CA PHE A 367 -1.15 -17.52 -31.53
C PHE A 367 -1.18 -17.72 -30.03
N VAL A 368 -1.67 -18.89 -29.59
CA VAL A 368 -1.61 -19.26 -28.18
C VAL A 368 -0.59 -20.38 -27.97
N ASP A 369 0.50 -20.03 -27.31
CA ASP A 369 1.59 -20.97 -27.06
C ASP A 369 1.10 -22.18 -26.27
N PRO A 370 1.39 -23.40 -26.77
CA PRO A 370 0.98 -24.65 -26.11
C PRO A 370 1.30 -24.74 -24.62
N CYS A 371 2.29 -23.97 -24.16
CA CYS A 371 2.70 -23.99 -22.75
C CYS A 371 1.69 -23.31 -21.82
N LEU A 372 0.73 -22.60 -22.41
CA LEU A 372 -0.35 -21.96 -21.66
C LEU A 372 -1.48 -22.93 -21.31
N GLY A 373 -1.48 -24.08 -21.96
CA GLY A 373 -2.51 -25.11 -21.76
C GLY A 373 -3.85 -24.64 -22.30
N ASP A 374 -4.91 -24.90 -21.52
CA ASP A 374 -6.28 -24.53 -21.92
C ASP A 374 -6.76 -23.24 -21.26
N LEU A 375 -5.86 -22.53 -20.60
CA LEU A 375 -6.17 -21.29 -19.88
C LEU A 375 -7.02 -20.32 -20.73
N ILE A 376 -6.56 -20.06 -21.95
CA ILE A 376 -7.23 -19.13 -22.86
C ILE A 376 -8.61 -19.64 -23.25
N LEU A 377 -8.69 -20.94 -23.54
CA LEU A 377 -9.95 -21.60 -23.88
C LEU A 377 -10.96 -21.53 -22.73
N ILE A 378 -10.48 -21.81 -21.51
CA ILE A 378 -11.32 -21.79 -20.32
C ILE A 378 -11.84 -20.37 -20.00
N LEU A 379 -10.94 -19.38 -20.05
CA LEU A 379 -11.31 -17.99 -19.76
C LEU A 379 -12.27 -17.37 -20.79
N ARG A 380 -12.24 -17.89 -22.02
CA ARG A 380 -13.12 -17.38 -23.09
C ARG A 380 -14.58 -17.80 -22.97
N LEU A 381 -14.84 -18.80 -22.13
CA LEU A 381 -16.20 -19.31 -21.92
C LEU A 381 -17.07 -18.28 -21.19
N PRO A 382 -18.34 -18.15 -21.60
CA PRO A 382 -19.27 -17.23 -20.92
C PRO A 382 -19.51 -17.62 -19.47
N SER A 383 -19.77 -16.62 -18.63
CA SER A 383 -19.92 -16.79 -17.18
C SER A 383 -20.92 -17.87 -16.76
N TRP A 384 -22.04 -17.97 -17.49
CA TRP A 384 -23.05 -18.97 -17.19
C TRP A 384 -22.53 -20.40 -17.45
N PHE A 385 -21.71 -20.56 -18.49
CA PHE A 385 -21.13 -21.86 -18.83
C PHE A 385 -20.01 -22.21 -17.86
N LYS A 386 -19.30 -21.18 -17.40
CA LYS A 386 -18.27 -21.28 -16.36
C LYS A 386 -18.92 -21.84 -15.08
N ARG A 387 -20.11 -21.31 -14.78
CA ARG A 387 -20.92 -21.74 -13.63
C ARG A 387 -21.45 -23.16 -13.82
N LEU A 388 -22.03 -23.43 -15.00
CA LEU A 388 -22.63 -24.74 -15.31
C LEU A 388 -21.63 -25.88 -15.19
N LEU A 389 -20.46 -25.71 -15.80
CA LEU A 389 -19.37 -26.69 -15.69
C LEU A 389 -18.90 -26.87 -14.25
N SER A 390 -18.91 -25.78 -13.49
CA SER A 390 -18.42 -25.77 -12.11
C SER A 390 -19.18 -26.72 -11.18
N LEU A 391 -20.49 -26.55 -11.05
CA LEU A 391 -21.26 -27.46 -10.19
C LEU A 391 -21.49 -28.85 -10.81
N LEU A 392 -21.10 -28.99 -12.08
CA LEU A 392 -21.13 -30.28 -12.76
C LEU A 392 -19.86 -31.07 -12.43
N LEU A 393 -18.74 -30.35 -12.29
CA LEU A 393 -17.46 -30.94 -11.91
C LEU A 393 -17.35 -31.19 -10.41
N LYS A 394 -18.04 -30.35 -9.64
CA LYS A 394 -17.96 -30.32 -8.17
C LYS A 394 -17.91 -31.69 -7.45
N PRO A 395 -18.89 -32.59 -7.71
CA PRO A 395 -18.88 -33.87 -6.99
C PRO A 395 -17.59 -34.68 -7.15
N LEU A 396 -17.06 -34.75 -8.37
CA LEU A 396 -15.86 -35.56 -8.64
C LEU A 396 -14.53 -34.79 -8.56
N PHE A 397 -14.53 -33.55 -9.02
CA PHE A 397 -13.31 -32.74 -9.04
C PHE A 397 -13.52 -31.36 -8.42
N PRO A 398 -13.45 -31.26 -7.09
CA PRO A 398 -13.71 -30.02 -6.35
C PRO A 398 -12.75 -28.87 -6.71
N ARG A 399 -11.44 -29.16 -6.80
CA ARG A 399 -10.42 -28.15 -7.12
C ARG A 399 -10.71 -27.43 -8.44
N LEU A 400 -10.97 -28.22 -9.48
CA LEU A 400 -11.26 -27.72 -10.82
C LEU A 400 -12.52 -26.85 -10.81
N ALA A 401 -13.54 -27.30 -10.07
CA ALA A 401 -14.80 -26.58 -9.94
C ALA A 401 -14.62 -25.22 -9.25
N ALA A 402 -13.89 -25.22 -8.14
CA ALA A 402 -13.66 -24.00 -7.36
C ALA A 402 -12.90 -22.95 -8.16
N PHE A 403 -11.85 -23.38 -8.84
CA PHE A 403 -11.07 -22.51 -9.74
C PHE A 403 -11.95 -21.95 -10.86
N LEU A 404 -12.67 -22.81 -11.57
CA LEU A 404 -13.59 -22.39 -12.63
C LEU A 404 -14.55 -21.31 -12.17
N ASN A 405 -15.16 -21.51 -11.00
CA ASN A 405 -16.11 -20.57 -10.44
C ASN A 405 -15.52 -19.21 -10.10
N SER A 406 -14.30 -19.20 -9.55
CA SER A 406 -13.63 -17.96 -9.14
C SER A 406 -13.05 -17.18 -10.33
N MET A 407 -13.04 -17.78 -11.50
CA MET A 407 -12.54 -17.10 -12.70
C MET A 407 -13.69 -16.54 -13.52
N ARG A 408 -14.75 -16.13 -12.84
CA ARG A 408 -15.92 -15.52 -13.46
C ARG A 408 -15.94 -14.02 -13.21
N PRO A 409 -16.56 -13.25 -14.14
CA PRO A 409 -16.72 -11.79 -13.94
C PRO A 409 -17.50 -11.43 -12.68
N ARG A 410 -17.19 -10.29 -12.09
CA ARG A 410 -17.85 -9.80 -10.87
C ARG A 410 -18.22 -8.34 -11.02
N SER A 411 -19.12 -7.89 -10.14
CA SER A 411 -19.38 -6.47 -9.95
C SER A 411 -18.26 -5.87 -9.10
N ALA A 412 -18.14 -4.54 -9.13
CA ALA A 412 -17.19 -3.84 -8.27
C ALA A 412 -17.49 -4.08 -6.80
N GLU A 413 -18.77 -4.21 -6.47
CA GLU A 413 -19.22 -4.55 -5.12
C GLU A 413 -18.60 -5.85 -4.63
N LYS A 414 -18.60 -6.87 -5.50
CA LYS A 414 -18.00 -8.17 -5.18
C LYS A 414 -16.47 -8.13 -5.13
N LEU A 415 -15.85 -7.17 -5.84
CA LEU A 415 -14.41 -6.98 -5.74
C LEU A 415 -14.05 -6.38 -4.39
N TRP A 416 -14.84 -5.41 -3.92
CA TRP A 416 -14.67 -4.84 -2.59
C TRP A 416 -14.75 -5.93 -1.51
N LYS A 417 -15.73 -6.82 -1.65
CA LYS A 417 -15.90 -7.93 -0.72
C LYS A 417 -14.67 -8.82 -0.74
N LEU A 418 -14.11 -9.05 -1.93
CA LEU A 418 -12.92 -9.88 -2.07
C LEU A 418 -11.69 -9.22 -1.45
N GLN A 419 -11.50 -7.94 -1.75
CA GLN A 419 -10.35 -7.19 -1.23
C GLN A 419 -10.41 -7.08 0.29
N HIS A 420 -11.61 -6.94 0.84
CA HIS A 420 -11.80 -6.97 2.29
C HIS A 420 -11.45 -8.33 2.86
N GLU A 421 -11.85 -9.39 2.16
CA GLU A 421 -11.56 -10.75 2.62
C GLU A 421 -10.08 -11.08 2.61
N ILE A 422 -9.33 -10.46 1.69
CA ILE A 422 -7.88 -10.64 1.62
C ILE A 422 -7.17 -9.96 2.79
N GLU A 423 -7.62 -8.76 3.18
CA GLU A 423 -7.00 -8.10 4.32
C GLU A 423 -7.38 -8.75 5.64
N MET A 424 -8.60 -9.31 5.69
CA MET A 424 -9.04 -10.11 6.83
C MET A 424 -8.22 -11.38 6.99
N TYR A 425 -7.98 -12.09 5.88
CA TYR A 425 -7.19 -13.32 5.91
C TYR A 425 -5.73 -13.05 6.29
N ARG A 426 -5.17 -11.97 5.74
CA ARG A 426 -3.82 -11.51 6.07
C ARG A 426 -3.66 -11.30 7.58
N GLN A 427 -4.68 -10.71 8.19
CA GLN A 427 -4.67 -10.43 9.62
C GLN A 427 -4.84 -11.70 10.46
N SER A 428 -5.55 -12.69 9.91
CA SER A 428 -5.80 -13.94 10.64
C SER A 428 -4.59 -14.87 10.63
N VAL A 429 -3.79 -14.81 9.57
CA VAL A 429 -2.54 -15.55 9.49
C VAL A 429 -1.50 -14.88 10.38
N ILE A 430 -1.49 -13.54 10.37
CA ILE A 430 -0.62 -12.77 11.28
C ILE A 430 -0.92 -13.08 12.75
N ALA A 431 -2.21 -13.15 13.10
CA ALA A 431 -2.64 -13.51 14.45
C ALA A 431 -2.17 -14.92 14.83
N GLN A 432 -2.21 -15.82 13.84
CA GLN A 432 -1.75 -17.20 13.97
C GLN A 432 -0.24 -17.20 14.24
N TRP A 433 0.47 -16.42 13.43
CA TRP A 433 1.92 -16.23 13.51
C TRP A 433 2.35 -15.70 14.88
N LYS A 434 1.65 -14.68 15.38
CA LYS A 434 1.99 -14.01 16.64
C LYS A 434 1.77 -14.91 17.85
N ALA A 435 0.66 -15.65 17.85
CA ALA A 435 0.32 -16.55 18.95
C ALA A 435 1.39 -17.63 19.12
N MET A 436 1.91 -18.10 17.99
CA MET A 436 2.96 -19.12 17.96
C MET A 436 4.34 -18.47 18.19
N ASN A 437 4.35 -17.14 18.17
CA ASN A 437 5.55 -16.32 18.39
C ASN A 437 6.72 -16.66 17.47
N LEU A 438 6.45 -16.65 16.16
CA LEU A 438 7.45 -17.00 15.16
C LEU A 438 8.30 -15.80 14.75
N ASP A 439 9.52 -16.08 14.29
CA ASP A 439 10.35 -15.08 13.63
C ASP A 439 10.25 -15.24 12.13
N VAL A 440 10.37 -16.50 11.67
CA VAL A 440 10.33 -16.85 10.26
C VAL A 440 9.55 -18.13 10.03
N LEU A 441 9.36 -18.50 8.77
CA LEU A 441 8.57 -19.66 8.38
C LEU A 441 9.29 -20.47 7.31
N LEU A 442 9.39 -21.78 7.55
CA LEU A 442 10.01 -22.70 6.59
C LEU A 442 8.94 -23.49 5.85
N THR A 443 9.04 -23.49 4.52
CA THR A 443 8.00 -24.02 3.65
C THR A 443 8.65 -24.87 2.56
N PRO A 444 7.96 -25.95 2.11
CA PRO A 444 8.44 -26.67 0.93
C PRO A 444 8.33 -25.78 -0.30
N MET A 445 9.27 -25.94 -1.23
CA MET A 445 9.22 -25.24 -2.49
C MET A 445 8.99 -26.24 -3.62
N LEU A 446 8.04 -25.95 -4.51
CA LEU A 446 7.72 -26.82 -5.63
C LEU A 446 8.97 -27.15 -6.46
N GLY A 447 9.23 -28.43 -6.65
CA GLY A 447 10.43 -28.91 -7.36
C GLY A 447 10.35 -30.42 -7.45
N PRO A 448 11.19 -31.07 -8.27
CA PRO A 448 12.45 -30.69 -8.92
C PRO A 448 12.39 -29.75 -10.12
N ALA A 449 11.39 -29.92 -10.98
CA ALA A 449 11.22 -29.12 -12.21
C ALA A 449 10.47 -29.95 -13.22
N LEU A 450 9.37 -29.39 -13.69
CA LEU A 450 8.43 -30.11 -14.54
C LEU A 450 8.94 -30.24 -15.97
N ASP A 451 8.41 -31.23 -16.69
CA ASP A 451 8.71 -31.43 -18.12
C ASP A 451 8.33 -30.21 -18.95
N LEU A 452 8.97 -30.09 -20.11
CA LEU A 452 8.98 -28.86 -20.89
C LEU A 452 7.63 -28.17 -21.15
N ASN A 453 6.57 -28.93 -21.39
CA ASN A 453 5.27 -28.30 -21.68
C ASN A 453 4.15 -28.66 -20.71
N THR A 454 4.50 -28.80 -19.44
CA THR A 454 3.55 -29.34 -18.45
C THR A 454 3.00 -28.34 -17.40
N PRO A 455 3.80 -27.34 -16.97
CA PRO A 455 3.31 -26.34 -16.01
C PRO A 455 1.92 -25.77 -16.33
N GLY A 456 1.62 -25.61 -17.61
CA GLY A 456 0.34 -25.04 -18.06
C GLY A 456 -0.88 -25.89 -17.76
N ARG A 457 -0.67 -27.16 -17.44
CA ARG A 457 -1.77 -28.06 -17.08
C ARG A 457 -1.58 -28.67 -15.69
N ALA A 458 -0.74 -28.03 -14.89
CA ALA A 458 -0.58 -28.36 -13.47
C ALA A 458 -0.64 -27.07 -12.66
N THR A 459 -1.82 -26.44 -12.68
CA THR A 459 -2.00 -25.11 -12.11
C THR A 459 -1.99 -25.12 -10.58
N GLY A 460 -2.58 -26.18 -9.99
CA GLY A 460 -2.63 -26.34 -8.54
C GLY A 460 -1.27 -26.30 -7.86
N ALA A 461 -0.21 -26.56 -8.62
CA ALA A 461 1.15 -26.61 -8.10
C ALA A 461 1.67 -25.25 -7.60
N ILE A 462 0.98 -24.16 -7.97
CA ILE A 462 1.35 -22.82 -7.53
C ILE A 462 1.00 -22.55 -6.05
N SER A 463 0.34 -23.53 -5.42
CA SER A 463 -0.17 -23.38 -4.05
C SER A 463 0.87 -22.94 -3.03
N TYR A 464 2.09 -23.48 -3.14
CA TYR A 464 3.15 -23.18 -2.18
C TYR A 464 3.67 -21.74 -2.28
N THR A 465 3.55 -21.16 -3.46
CA THR A 465 4.06 -19.81 -3.70
C THR A 465 2.98 -18.73 -3.63
N VAL A 466 1.93 -18.88 -4.43
CA VAL A 466 0.87 -17.87 -4.57
C VAL A 466 0.25 -17.44 -3.24
N LEU A 467 0.29 -18.32 -2.24
CA LEU A 467 -0.22 -18.03 -0.92
C LEU A 467 0.40 -16.75 -0.34
N TYR A 468 1.71 -16.57 -0.55
CA TYR A 468 2.44 -15.46 0.05
C TYR A 468 2.44 -14.19 -0.80
N ASN A 469 1.89 -14.29 -2.00
CA ASN A 469 1.59 -13.12 -2.81
C ASN A 469 0.26 -12.56 -2.33
N CYS A 470 -0.65 -13.47 -2.07
CA CYS A 470 -1.97 -13.18 -1.54
C CYS A 470 -1.83 -12.57 -0.14
N LEU A 471 -0.97 -13.16 0.68
CA LEU A 471 -0.67 -12.65 2.01
C LEU A 471 0.24 -11.43 1.98
N ASP A 472 0.98 -11.28 0.88
CA ASP A 472 2.01 -10.23 0.71
C ASP A 472 3.08 -10.28 1.82
N PHE A 473 3.77 -11.40 1.89
CA PHE A 473 4.86 -11.60 2.84
C PHE A 473 6.14 -11.72 2.02
N PRO A 474 7.28 -11.27 2.57
CA PRO A 474 8.55 -11.60 1.90
C PRO A 474 8.75 -13.11 1.87
N ALA A 475 9.14 -13.62 0.72
CA ALA A 475 9.36 -15.04 0.54
C ALA A 475 10.56 -15.27 -0.36
N GLY A 476 11.53 -16.04 0.15
CA GLY A 476 12.73 -16.35 -0.59
C GLY A 476 12.93 -17.83 -0.83
N VAL A 477 13.78 -18.15 -1.79
CA VAL A 477 14.05 -19.52 -2.18
C VAL A 477 15.56 -19.77 -2.22
N VAL A 478 15.98 -20.87 -1.62
CA VAL A 478 17.39 -21.27 -1.61
C VAL A 478 17.56 -22.77 -1.89
N PRO A 479 18.37 -23.13 -2.91
CA PRO A 479 18.65 -24.53 -3.23
C PRO A 479 19.40 -25.22 -2.10
N VAL A 480 18.92 -26.40 -1.69
CA VAL A 480 19.46 -27.08 -0.51
C VAL A 480 19.96 -28.50 -0.80
N THR A 481 19.46 -29.09 -1.88
CA THR A 481 19.80 -30.47 -2.23
C THR A 481 19.53 -30.73 -3.69
N THR A 482 19.85 -31.95 -4.12
CA THR A 482 19.64 -32.37 -5.49
C THR A 482 18.86 -33.70 -5.48
N VAL A 483 18.04 -33.93 -6.50
CA VAL A 483 17.24 -35.16 -6.62
C VAL A 483 18.15 -36.37 -6.76
N THR A 484 18.07 -37.28 -5.79
CA THR A 484 18.75 -38.56 -5.87
C THR A 484 17.87 -39.54 -6.65
N ALA A 485 18.45 -40.62 -7.14
CA ALA A 485 17.67 -41.61 -7.89
C ALA A 485 16.70 -42.41 -7.00
N GLU A 486 16.95 -42.40 -5.69
CA GLU A 486 16.02 -42.93 -4.71
C GLU A 486 14.74 -42.09 -4.69
N ASP A 487 14.91 -40.76 -4.74
CA ASP A 487 13.80 -39.81 -4.79
C ASP A 487 12.96 -39.94 -6.06
N ASP A 488 13.62 -40.15 -7.20
CA ASP A 488 12.94 -40.21 -8.49
C ASP A 488 12.14 -41.50 -8.65
N ALA A 489 12.61 -42.57 -8.01
CA ALA A 489 11.93 -43.85 -8.05
C ALA A 489 10.63 -43.80 -7.25
N GLN A 490 10.63 -43.04 -6.16
CA GLN A 490 9.45 -42.89 -5.30
C GLN A 490 8.33 -42.07 -5.94
N MET A 491 8.63 -41.43 -7.06
CA MET A 491 7.60 -40.71 -7.84
C MET A 491 6.61 -41.66 -8.49
N GLU A 492 6.92 -42.95 -8.53
CA GLU A 492 6.00 -43.95 -9.08
C GLU A 492 4.87 -44.25 -8.09
N LEU A 493 5.13 -44.00 -6.81
CA LEU A 493 4.15 -44.18 -5.73
C LEU A 493 3.48 -42.87 -5.36
N TYR A 494 3.70 -41.86 -6.19
CA TYR A 494 3.13 -40.53 -5.98
C TYR A 494 1.67 -40.52 -6.40
N LYS A 495 0.77 -40.40 -5.43
CA LYS A 495 -0.65 -40.18 -5.70
C LYS A 495 -1.01 -38.84 -5.07
N GLY A 496 -1.79 -38.02 -5.78
CA GLY A 496 -2.13 -36.70 -5.27
C GLY A 496 -3.10 -36.72 -4.10
N TYR A 497 -3.54 -35.54 -3.66
CA TYR A 497 -4.58 -35.44 -2.64
C TYR A 497 -5.96 -35.52 -3.27
N PHE A 498 -6.06 -35.10 -4.52
CA PHE A 498 -7.35 -35.00 -5.21
C PHE A 498 -7.51 -36.01 -6.34
N GLY A 499 -6.39 -36.43 -6.94
CA GLY A 499 -6.39 -37.41 -8.02
C GLY A 499 -6.96 -36.86 -9.32
N ASP A 500 -7.15 -35.55 -9.39
CA ASP A 500 -7.64 -34.89 -10.61
C ASP A 500 -6.51 -34.70 -11.62
N ILE A 501 -6.84 -34.12 -12.77
CA ILE A 501 -5.90 -33.93 -13.88
C ILE A 501 -4.58 -33.24 -13.47
N TRP A 502 -4.64 -32.33 -12.50
CA TRP A 502 -3.45 -31.63 -12.02
C TRP A 502 -2.48 -32.56 -11.29
N ASP A 503 -3.03 -33.48 -10.50
CA ASP A 503 -2.24 -34.47 -9.79
C ASP A 503 -1.66 -35.52 -10.73
N ILE A 504 -2.42 -35.87 -11.76
CA ILE A 504 -1.98 -36.84 -12.78
C ILE A 504 -0.79 -36.28 -13.55
N ILE A 505 -0.91 -35.04 -14.01
CA ILE A 505 0.13 -34.41 -14.83
C ILE A 505 1.39 -34.09 -14.03
N LEU A 506 1.21 -33.62 -12.80
CA LEU A 506 2.34 -33.37 -11.92
C LEU A 506 3.14 -34.65 -11.63
N LYS A 507 2.46 -35.79 -11.51
CA LYS A 507 3.12 -37.08 -11.29
C LYS A 507 4.11 -37.40 -12.41
N LYS A 508 3.63 -37.30 -13.65
CA LYS A 508 4.43 -37.61 -14.83
C LYS A 508 5.44 -36.51 -15.14
N ALA A 509 5.16 -35.29 -14.68
CA ALA A 509 5.98 -34.13 -15.03
C ALA A 509 7.26 -34.01 -14.21
N MET A 510 7.21 -34.45 -12.96
CA MET A 510 8.36 -34.36 -12.06
C MET A 510 9.26 -35.58 -12.09
N LYS A 511 8.84 -36.64 -12.80
CA LYS A 511 9.69 -37.84 -12.91
C LYS A 511 10.82 -37.65 -13.92
N ASN A 512 11.67 -38.65 -14.08
CA ASN A 512 12.86 -38.56 -14.93
C ASN A 512 13.64 -37.28 -14.63
N SER A 513 14.08 -37.14 -13.38
CA SER A 513 14.53 -35.86 -12.86
C SER A 513 15.78 -35.93 -11.97
N VAL A 514 16.50 -37.06 -12.03
CA VAL A 514 17.70 -37.28 -11.23
C VAL A 514 18.76 -36.20 -11.46
N GLY A 515 19.31 -35.68 -10.36
CA GLY A 515 20.40 -34.71 -10.42
C GLY A 515 19.94 -33.27 -10.43
N LEU A 516 18.65 -33.04 -10.59
CA LEU A 516 18.11 -31.68 -10.62
C LEU A 516 18.03 -31.09 -9.21
N PRO A 517 18.23 -29.76 -9.10
CA PRO A 517 18.23 -29.11 -7.79
C PRO A 517 16.84 -28.97 -7.17
N VAL A 518 16.76 -29.19 -5.86
CA VAL A 518 15.54 -29.00 -5.09
C VAL A 518 15.80 -27.92 -4.03
N ALA A 519 14.83 -27.02 -3.89
CA ALA A 519 14.97 -25.88 -2.99
C ALA A 519 13.97 -25.93 -1.84
N VAL A 520 14.10 -24.95 -0.96
CA VAL A 520 13.21 -24.77 0.18
C VAL A 520 12.81 -23.29 0.22
N GLN A 521 11.67 -22.97 0.83
CA GLN A 521 11.17 -21.60 0.84
C GLN A 521 11.19 -20.98 2.24
N CYS A 522 11.67 -19.75 2.32
CA CYS A 522 11.79 -19.02 3.59
C CYS A 522 10.87 -17.80 3.60
N VAL A 523 10.07 -17.68 4.65
CA VAL A 523 9.08 -16.62 4.74
C VAL A 523 9.25 -15.79 6.03
N ALA A 524 8.98 -14.48 5.93
CA ALA A 524 8.96 -13.59 7.08
C ALA A 524 7.74 -12.66 7.01
N LEU A 525 7.51 -11.90 8.07
CA LEU A 525 6.40 -10.95 8.13
C LEU A 525 6.60 -9.78 7.17
N PRO A 526 5.51 -9.11 6.73
CA PRO A 526 5.66 -7.96 5.84
C PRO A 526 6.72 -6.96 6.32
N TRP A 527 7.51 -6.46 5.37
CA TRP A 527 8.57 -5.47 5.62
C TRP A 527 9.81 -6.03 6.33
N GLN A 528 9.91 -7.35 6.41
CA GLN A 528 11.00 -8.00 7.12
C GLN A 528 11.95 -8.74 6.19
N GLU A 529 12.22 -8.19 5.00
CA GLU A 529 13.06 -8.91 4.04
C GLU A 529 14.51 -9.12 4.49
N GLU A 530 15.03 -8.22 5.32
CA GLU A 530 16.37 -8.44 5.89
C GLU A 530 16.40 -9.59 6.89
N LEU A 531 15.30 -9.80 7.61
CA LEU A 531 15.16 -10.97 8.49
C LEU A 531 14.99 -12.23 7.65
N CYS A 532 14.26 -12.09 6.54
CA CYS A 532 14.05 -13.18 5.59
C CYS A 532 15.39 -13.63 4.99
N LEU A 533 16.24 -12.67 4.63
CA LEU A 533 17.56 -12.97 4.08
C LEU A 533 18.52 -13.56 5.11
N ARG A 534 18.42 -13.09 6.35
CA ARG A 534 19.21 -13.65 7.44
C ARG A 534 18.87 -15.13 7.63
N PHE A 535 17.59 -15.47 7.46
CA PHE A 535 17.13 -16.84 7.56
C PHE A 535 17.57 -17.68 6.37
N MET A 536 17.46 -17.12 5.17
CA MET A 536 17.93 -17.76 3.94
C MET A 536 19.43 -18.02 3.96
N ARG A 537 20.18 -17.09 4.58
CA ARG A 537 21.62 -17.25 4.72
C ARG A 537 21.97 -18.40 5.66
N GLU A 538 21.14 -18.61 6.67
CA GLU A 538 21.31 -19.71 7.62
C GLU A 538 21.11 -21.06 6.95
N VAL A 539 20.06 -21.16 6.14
CA VAL A 539 19.75 -22.38 5.39
C VAL A 539 20.87 -22.70 4.40
N GLU A 540 21.31 -21.69 3.65
CA GLU A 540 22.41 -21.85 2.71
C GLU A 540 23.69 -22.28 3.42
N GLN A 541 23.96 -21.66 4.57
CA GLN A 541 25.17 -21.92 5.33
C GLN A 541 25.18 -23.33 5.94
N LEU A 542 24.00 -23.86 6.26
CA LEU A 542 23.89 -25.17 6.89
C LEU A 542 23.73 -26.33 5.91
N MET A 543 23.14 -26.04 4.75
CA MET A 543 22.86 -27.08 3.76
C MET A 543 23.94 -27.15 2.68
N THR A 544 24.51 -26.00 2.34
CA THR A 544 25.59 -25.93 1.35
C THR A 544 26.89 -25.51 2.02
N ALA B 8 -38.35 0.78 15.31
CA ALA B 8 -37.14 -0.09 15.27
C ALA B 8 -35.86 0.74 15.36
N ARG B 9 -35.75 1.75 14.52
CA ARG B 9 -34.69 2.76 14.61
C ARG B 9 -35.09 3.83 15.64
N GLY B 10 -36.37 3.83 16.02
CA GLY B 10 -36.90 4.70 17.07
C GLY B 10 -36.14 4.55 18.38
N ALA B 11 -35.58 3.37 18.61
CA ALA B 11 -34.68 3.11 19.74
C ALA B 11 -33.30 3.74 19.51
N ALA B 12 -33.31 5.03 19.18
CA ALA B 12 -32.15 5.91 19.26
C ALA B 12 -32.19 6.56 20.63
N THR B 13 -33.28 6.31 21.38
CA THR B 13 -33.41 6.74 22.77
C THR B 13 -32.50 5.90 23.66
N ARG B 14 -32.26 4.65 23.27
CA ARG B 14 -31.34 3.78 23.97
C ARG B 14 -29.91 4.32 23.95
N ALA B 15 -29.50 4.87 22.80
CA ALA B 15 -28.19 5.52 22.66
C ALA B 15 -28.15 6.83 23.44
N ARG B 16 -29.27 7.54 23.49
CA ARG B 16 -29.36 8.84 24.15
C ARG B 16 -29.28 8.75 25.67
N GLN B 17 -29.93 7.74 26.24
CA GLN B 17 -29.86 7.52 27.68
C GLN B 17 -28.50 6.93 28.10
N LYS B 18 -27.83 6.28 27.15
CA LYS B 18 -26.48 5.80 27.37
C LYS B 18 -25.51 6.99 27.42
N GLN B 19 -25.66 7.90 26.46
CA GLN B 19 -24.87 9.14 26.41
C GLN B 19 -25.11 9.99 27.66
N ARG B 20 -26.35 10.02 28.12
CA ARG B 20 -26.74 10.77 29.31
C ARG B 20 -26.10 10.20 30.57
N ALA B 21 -26.01 8.86 30.63
CA ALA B 21 -25.40 8.17 31.76
C ALA B 21 -23.89 8.38 31.81
N SER B 22 -23.26 8.39 30.64
CA SER B 22 -21.84 8.70 30.51
C SER B 22 -21.54 10.08 31.10
N LEU B 23 -22.28 11.08 30.65
CA LEU B 23 -22.15 12.46 31.13
C LEU B 23 -22.35 12.58 32.65
N GLU B 24 -23.29 11.82 33.20
CA GLU B 24 -23.54 11.80 34.64
C GLU B 24 -22.37 11.18 35.41
N THR B 25 -21.75 10.14 34.84
CA THR B 25 -20.59 9.49 35.45
C THR B 25 -19.40 10.43 35.47
N MET B 26 -19.23 11.18 34.38
CA MET B 26 -18.17 12.18 34.27
C MET B 26 -18.33 13.24 35.36
N ASP B 27 -19.53 13.81 35.43
CA ASP B 27 -19.85 14.86 36.39
C ASP B 27 -19.59 14.43 37.83
N LYS B 28 -19.96 13.19 38.14
CA LYS B 28 -19.75 12.62 39.47
C LYS B 28 -18.27 12.43 39.78
N ALA B 29 -17.51 11.95 38.79
CA ALA B 29 -16.08 11.73 38.94
C ALA B 29 -15.32 13.03 39.15
N VAL B 30 -15.62 14.04 38.32
CA VAL B 30 -14.93 15.33 38.42
C VAL B 30 -15.23 16.05 39.74
N GLN B 31 -16.45 15.94 40.23
CA GLN B 31 -16.84 16.62 41.47
C GLN B 31 -16.35 15.89 42.73
N ARG B 32 -16.18 14.57 42.64
CA ARG B 32 -15.54 13.80 43.72
C ARG B 32 -14.05 14.12 43.81
N PHE B 33 -13.44 14.48 42.67
CA PHE B 33 -12.05 14.93 42.66
C PHE B 33 -11.90 16.40 43.07
N ARG B 34 -12.80 17.25 42.60
CA ARG B 34 -12.77 18.68 42.91
C ARG B 34 -12.87 18.95 44.41
N LEU B 35 -13.62 18.10 45.12
CA LEU B 35 -13.74 18.19 46.57
C LEU B 35 -12.45 17.76 47.27
N GLN B 36 -11.74 16.80 46.69
CA GLN B 36 -10.50 16.30 47.26
C GLN B 36 -9.31 17.25 47.05
N ASN B 37 -9.35 18.01 45.97
CA ASN B 37 -8.27 18.97 45.65
C ASN B 37 -8.78 20.39 45.41
N PRO B 38 -9.17 21.10 46.49
CA PRO B 38 -9.75 22.43 46.34
C PRO B 38 -8.73 23.52 46.01
N ASP B 39 -7.43 23.22 46.17
CA ASP B 39 -6.37 24.19 45.94
C ASP B 39 -5.72 24.08 44.55
N LEU B 40 -6.22 23.15 43.73
CA LEU B 40 -5.71 22.96 42.38
C LEU B 40 -6.10 24.11 41.45
N ASP B 41 -5.15 24.56 40.65
CA ASP B 41 -5.37 25.64 39.70
C ASP B 41 -5.75 25.07 38.33
N SER B 42 -7.05 25.08 38.03
CA SER B 42 -7.56 24.53 36.77
C SER B 42 -7.22 25.40 35.57
N GLU B 43 -7.42 26.72 35.73
CA GLU B 43 -7.17 27.68 34.64
C GLU B 43 -5.73 27.62 34.12
N ALA B 44 -4.77 27.54 35.04
CA ALA B 44 -3.34 27.48 34.69
C ALA B 44 -2.96 26.15 34.06
N LEU B 45 -3.66 25.09 34.48
CA LEU B 45 -3.42 23.73 34.00
C LEU B 45 -3.89 23.54 32.56
N LEU B 46 -5.09 24.02 32.26
CA LEU B 46 -5.73 23.82 30.96
C LEU B 46 -5.08 24.61 29.83
N THR B 47 -4.47 25.75 30.16
CA THR B 47 -3.88 26.63 29.16
C THR B 47 -2.42 26.28 28.84
N LEU B 48 -1.94 25.17 29.40
CA LEU B 48 -0.60 24.68 29.11
C LEU B 48 -0.55 23.91 27.78
N PRO B 49 0.38 24.29 26.88
CA PRO B 49 0.62 23.52 25.66
C PRO B 49 1.13 22.11 25.96
N LEU B 50 0.74 21.14 25.14
CA LEU B 50 1.00 19.72 25.39
C LEU B 50 2.47 19.37 25.69
N LEU B 51 3.40 20.08 25.06
CA LEU B 51 4.83 19.90 25.30
C LEU B 51 5.20 20.21 26.76
N GLN B 52 4.77 21.37 27.23
CA GLN B 52 5.02 21.80 28.61
C GLN B 52 4.22 20.95 29.60
N LEU B 53 3.06 20.46 29.17
CA LEU B 53 2.23 19.57 29.97
C LEU B 53 2.90 18.22 30.20
N VAL B 54 3.42 17.61 29.13
CA VAL B 54 4.02 16.26 29.23
C VAL B 54 5.32 16.24 30.02
N GLN B 55 6.14 17.29 29.90
CA GLN B 55 7.41 17.34 30.64
C GLN B 55 7.21 17.72 32.10
N LYS B 56 6.02 18.25 32.43
CA LYS B 56 5.64 18.47 33.83
C LYS B 56 5.06 17.19 34.45
N LEU B 57 4.45 16.36 33.61
CA LEU B 57 4.08 14.99 34.00
C LEU B 57 5.32 14.13 34.17
N GLN B 58 6.21 14.16 33.18
CA GLN B 58 7.41 13.32 33.15
C GLN B 58 8.39 13.63 34.28
N SER B 59 8.43 14.89 34.73
CA SER B 59 9.26 15.27 35.86
C SER B 59 8.59 14.90 37.18
N GLY B 60 7.26 14.99 37.20
CA GLY B 60 6.49 14.66 38.40
C GLY B 60 5.93 15.88 39.11
N GLU B 61 6.07 17.05 38.48
CA GLU B 61 5.52 18.30 39.00
C GLU B 61 3.99 18.27 38.97
N LEU B 62 3.42 17.48 38.06
CA LEU B 62 1.99 17.24 38.01
C LEU B 62 1.70 15.73 38.07
N SER B 63 0.65 15.37 38.80
CA SER B 63 0.20 13.99 38.88
C SER B 63 -0.72 13.69 37.69
N PRO B 64 -0.75 12.41 37.23
CA PRO B 64 -1.65 12.02 36.14
C PRO B 64 -3.10 12.25 36.49
N GLU B 65 -3.44 12.04 37.77
CA GLU B 65 -4.81 12.25 38.27
C GLU B 65 -5.26 13.70 38.10
N ALA B 66 -4.39 14.63 38.49
CA ALA B 66 -4.68 16.07 38.38
C ALA B 66 -5.06 16.47 36.94
N VAL B 67 -4.19 16.13 35.99
CA VAL B 67 -4.41 16.51 34.60
C VAL B 67 -5.59 15.80 33.93
N PHE B 68 -5.92 14.60 34.43
CA PHE B 68 -7.01 13.81 33.87
C PHE B 68 -8.38 14.39 34.21
N PHE B 69 -8.62 14.65 35.49
CA PHE B 69 -9.91 15.16 35.96
C PHE B 69 -10.14 16.65 35.66
N THR B 70 -9.04 17.40 35.51
CA THR B 70 -9.15 18.79 35.08
C THR B 70 -9.60 18.85 33.62
N TYR B 71 -9.04 17.98 32.79
CA TYR B 71 -9.46 17.90 31.39
C TYR B 71 -10.83 17.26 31.23
N LEU B 72 -11.13 16.28 32.09
CA LEU B 72 -12.46 15.67 32.12
C LEU B 72 -13.49 16.70 32.56
N GLY B 73 -13.07 17.62 33.43
CA GLY B 73 -13.91 18.72 33.89
C GLY B 73 -14.27 19.68 32.77
N LYS B 74 -13.26 20.13 32.03
CA LYS B 74 -13.47 21.04 30.91
C LYS B 74 -14.32 20.37 29.82
N ALA B 75 -14.04 19.10 29.55
CA ALA B 75 -14.77 18.32 28.55
C ALA B 75 -16.27 18.33 28.80
N TRP B 76 -16.66 18.13 30.07
CA TRP B 76 -18.07 18.15 30.47
C TRP B 76 -18.67 19.54 30.25
N GLU B 77 -17.88 20.57 30.54
CA GLU B 77 -18.34 21.96 30.43
C GLU B 77 -18.48 22.43 29.00
N VAL B 78 -17.50 22.10 28.16
CA VAL B 78 -17.54 22.50 26.76
C VAL B 78 -18.57 21.70 25.96
N ASN B 79 -18.89 20.50 26.45
CA ASN B 79 -19.89 19.64 25.82
C ASN B 79 -21.29 20.22 25.91
N LYS B 80 -21.58 20.94 26.99
CA LYS B 80 -22.89 21.55 27.19
C LYS B 80 -23.27 22.52 26.07
N GLY B 81 -22.28 23.17 25.48
CA GLY B 81 -22.51 24.12 24.40
C GLY B 81 -22.20 23.60 23.02
N THR B 82 -21.64 22.39 22.93
CA THR B 82 -21.21 21.84 21.65
C THR B 82 -21.78 20.45 21.30
N ASN B 83 -22.14 19.67 22.31
CA ASN B 83 -22.63 18.29 22.12
C ASN B 83 -21.68 17.45 21.26
N CYS B 84 -20.47 17.23 21.79
CA CYS B 84 -19.42 16.53 21.04
C CYS B 84 -19.04 15.18 21.64
N VAL B 85 -19.36 14.98 22.91
CA VAL B 85 -19.05 13.74 23.61
C VAL B 85 -20.21 12.76 23.49
N THR B 86 -19.96 11.61 22.85
CA THR B 86 -20.96 10.55 22.71
C THR B 86 -20.97 9.55 23.88
N SER B 87 -19.79 9.19 24.36
CA SER B 87 -19.68 8.38 25.58
C SER B 87 -18.34 8.55 26.31
N TYR B 88 -18.34 8.20 27.59
CA TYR B 88 -17.18 8.29 28.44
C TYR B 88 -16.55 6.90 28.61
N LEU B 89 -15.25 6.82 28.33
CA LEU B 89 -14.53 5.54 28.36
C LEU B 89 -14.16 5.19 29.81
N THR B 90 -15.09 4.53 30.50
CA THR B 90 -15.10 4.44 31.97
C THR B 90 -13.95 3.68 32.61
N ASP B 91 -13.39 2.71 31.90
CA ASP B 91 -12.44 1.75 32.48
C ASP B 91 -11.00 2.28 32.75
N CYS B 92 -10.89 3.59 32.98
CA CYS B 92 -9.60 4.24 33.26
C CYS B 92 -9.67 5.17 34.48
N ALA B 99 -0.80 3.32 33.95
CA ALA B 99 -0.11 4.10 32.91
C ALA B 99 1.41 3.96 33.03
N PRO B 100 2.07 3.42 31.98
CA PRO B 100 3.51 3.15 31.98
C PRO B 100 4.36 4.43 32.00
N ARG B 101 5.27 4.48 32.98
CA ARG B 101 6.06 5.67 33.29
C ARG B 101 7.01 6.11 32.18
N GLN B 102 7.62 5.13 31.51
CA GLN B 102 8.60 5.38 30.45
C GLN B 102 8.00 5.99 29.16
N GLY B 103 6.67 5.94 29.04
CA GLY B 103 5.97 6.38 27.83
C GLY B 103 6.06 7.87 27.54
N LEU B 104 6.11 8.21 26.25
CA LEU B 104 6.21 9.60 25.80
C LEU B 104 4.93 10.41 25.99
N LEU B 105 3.83 9.73 26.31
CA LEU B 105 2.56 10.38 26.56
C LEU B 105 2.02 10.00 27.94
N TYR B 106 2.93 9.89 28.91
CA TYR B 106 2.67 9.29 30.22
C TYR B 106 1.34 9.65 30.88
N GLY B 107 1.02 10.93 31.00
CA GLY B 107 -0.20 11.33 31.69
C GLY B 107 -1.29 11.93 30.83
N VAL B 108 -1.07 11.93 29.52
CA VAL B 108 -1.93 12.69 28.59
C VAL B 108 -3.30 12.04 28.34
N PRO B 109 -4.39 12.78 28.63
CA PRO B 109 -5.70 12.35 28.17
C PRO B 109 -5.89 12.61 26.67
N VAL B 110 -6.32 11.58 25.95
CA VAL B 110 -6.58 11.70 24.51
C VAL B 110 -8.05 11.40 24.20
N SER B 111 -8.65 12.23 23.36
CA SER B 111 -10.02 12.00 22.91
C SER B 111 -10.00 11.21 21.60
N LEU B 112 -10.99 10.36 21.41
CA LEU B 112 -11.03 9.51 20.23
C LEU B 112 -12.31 9.71 19.44
N LYS B 113 -12.16 9.76 18.12
CA LYS B 113 -13.28 9.71 17.20
C LYS B 113 -14.00 8.38 17.42
N GLU B 114 -15.33 8.41 17.33
CA GLU B 114 -16.14 7.22 17.67
C GLU B 114 -15.79 5.95 16.90
N CYS B 115 -15.29 6.09 15.69
CA CYS B 115 -14.95 4.94 14.84
C CYS B 115 -13.74 4.14 15.33
N PHE B 116 -12.95 4.73 16.24
CA PHE B 116 -11.86 4.03 16.90
C PHE B 116 -12.44 3.08 17.94
N SER B 117 -12.38 1.78 17.67
CA SER B 117 -13.03 0.79 18.52
C SER B 117 -12.36 0.69 19.89
N TYR B 118 -13.21 0.59 20.93
CA TYR B 118 -12.75 0.55 22.31
C TYR B 118 -13.52 -0.52 23.07
N LYS B 119 -12.81 -1.31 23.87
CA LYS B 119 -13.39 -2.49 24.54
C LYS B 119 -14.62 -2.16 25.36
N GLY B 120 -15.73 -2.83 25.04
CA GLY B 120 -16.99 -2.66 25.75
C GLY B 120 -17.80 -1.43 25.36
N HIS B 121 -17.43 -0.81 24.24
CA HIS B 121 -18.09 0.41 23.80
C HIS B 121 -18.54 0.31 22.34
N ASP B 122 -19.59 1.04 22.01
CA ASP B 122 -20.13 1.05 20.67
C ASP B 122 -19.31 1.93 19.75
N SER B 123 -19.26 1.54 18.48
CA SER B 123 -18.85 2.45 17.42
C SER B 123 -20.04 2.60 16.47
N THR B 124 -21.12 3.18 17.00
CA THR B 124 -22.32 3.43 16.23
C THR B 124 -22.05 4.63 15.36
N LEU B 125 -21.64 4.39 14.12
CA LEU B 125 -21.26 5.49 13.24
C LEU B 125 -22.38 6.52 13.04
N GLY B 126 -23.46 6.37 13.81
CA GLY B 126 -24.65 7.21 13.70
C GLY B 126 -25.84 6.37 13.28
N LEU B 127 -25.57 5.10 12.94
CA LEU B 127 -26.57 4.17 12.43
C LEU B 127 -27.17 3.30 13.53
N SER B 128 -28.47 3.03 13.43
CA SER B 128 -29.16 2.17 14.39
C SER B 128 -28.66 0.74 14.29
N LEU B 129 -28.20 0.36 13.10
CA LEU B 129 -27.64 -0.97 12.81
C LEU B 129 -26.50 -1.36 13.74
N ASN B 130 -25.78 -0.36 14.25
CA ASN B 130 -24.61 -0.58 15.09
C ASN B 130 -24.84 -0.33 16.58
N GLU B 131 -26.10 -0.11 16.97
CA GLU B 131 -26.44 0.31 18.33
C GLU B 131 -26.01 -0.65 19.45
N GLY B 132 -26.65 -1.81 19.58
CA GLY B 132 -26.32 -2.72 20.67
C GLY B 132 -25.11 -3.61 20.41
N MET B 133 -24.05 -3.05 19.84
CA MET B 133 -22.87 -3.81 19.39
C MET B 133 -21.56 -3.26 19.95
N PRO B 134 -21.21 -3.63 21.20
CA PRO B 134 -19.95 -3.14 21.75
C PRO B 134 -18.73 -3.84 21.14
N SER B 135 -17.57 -3.18 21.14
CA SER B 135 -16.33 -3.79 20.66
C SER B 135 -15.79 -4.80 21.66
N GLU B 136 -15.30 -5.92 21.13
CA GLU B 136 -14.69 -6.96 21.94
C GLU B 136 -13.25 -6.60 22.31
N SER B 137 -12.68 -5.64 21.59
CA SER B 137 -11.26 -5.33 21.69
C SER B 137 -10.94 -3.87 21.34
N ASP B 138 -9.83 -3.37 21.88
CA ASP B 138 -9.26 -2.08 21.50
C ASP B 138 -8.58 -2.20 20.14
N CYS B 139 -8.70 -1.17 19.32
CA CYS B 139 -7.97 -1.13 18.05
C CYS B 139 -6.49 -0.81 18.28
N VAL B 140 -5.64 -1.18 17.33
CA VAL B 140 -4.18 -1.08 17.48
C VAL B 140 -3.70 0.28 17.99
N VAL B 141 -4.20 1.37 17.42
CA VAL B 141 -3.75 2.70 17.87
C VAL B 141 -4.15 3.02 19.31
N VAL B 142 -5.32 2.55 19.75
CA VAL B 142 -5.74 2.70 21.13
C VAL B 142 -4.83 1.91 22.08
N GLN B 143 -4.39 0.74 21.63
CA GLN B 143 -3.46 -0.10 22.37
C GLN B 143 -2.09 0.58 22.52
N VAL B 144 -1.60 1.19 21.45
CA VAL B 144 -0.27 1.80 21.48
C VAL B 144 -0.27 3.14 22.23
N LEU B 145 -1.43 3.80 22.26
CA LEU B 145 -1.60 4.99 23.07
C LEU B 145 -1.48 4.64 24.55
N LYS B 146 -2.21 3.61 24.97
CA LYS B 146 -2.16 3.15 26.35
C LYS B 146 -0.75 2.68 26.71
N LEU B 147 -0.11 1.93 25.81
CA LEU B 147 1.24 1.42 26.02
C LEU B 147 2.27 2.55 26.11
N GLN B 148 1.95 3.69 25.53
CA GLN B 148 2.80 4.87 25.57
C GLN B 148 2.43 5.79 26.73
N GLY B 149 1.44 5.38 27.54
CA GLY B 149 1.05 6.12 28.74
C GLY B 149 -0.26 6.87 28.63
N ALA B 150 -0.69 7.17 27.41
CA ALA B 150 -1.91 7.97 27.17
C ALA B 150 -3.16 7.37 27.80
N VAL B 151 -4.12 8.24 28.12
CA VAL B 151 -5.41 7.80 28.68
C VAL B 151 -6.55 8.28 27.79
N PRO B 152 -7.00 7.43 26.85
CA PRO B 152 -8.20 7.70 26.04
C PRO B 152 -9.42 7.83 26.94
N PHE B 153 -10.09 8.97 26.90
CA PHE B 153 -11.16 9.24 27.87
C PHE B 153 -12.57 9.42 27.31
N VAL B 154 -12.68 9.92 26.09
CA VAL B 154 -14.01 10.08 25.48
C VAL B 154 -14.09 9.63 24.03
N HIS B 155 -15.26 9.15 23.64
CA HIS B 155 -15.62 9.01 22.23
C HIS B 155 -16.32 10.28 21.80
N THR B 156 -15.92 10.81 20.64
CA THR B 156 -16.47 12.07 20.12
C THR B 156 -17.40 11.83 18.94
N ASN B 157 -18.35 12.75 18.76
CA ASN B 157 -19.43 12.60 17.79
C ASN B 157 -18.99 12.63 16.32
N VAL B 158 -19.82 12.02 15.46
CA VAL B 158 -19.59 11.97 14.02
C VAL B 158 -20.93 12.15 13.27
N PRO B 159 -20.88 12.63 12.01
CA PRO B 159 -22.08 12.65 11.17
C PRO B 159 -22.57 11.23 10.87
N GLN B 160 -23.85 11.10 10.52
CA GLN B 160 -24.53 9.81 10.50
C GLN B 160 -23.79 8.63 9.85
N SER B 161 -23.09 8.87 8.76
CA SER B 161 -22.38 7.76 8.13
C SER B 161 -20.89 8.00 8.01
N MET B 162 -20.43 9.10 8.61
CA MET B 162 -19.06 9.62 8.44
C MET B 162 -18.82 10.17 7.03
N LEU B 163 -19.83 10.09 6.16
CA LEU B 163 -19.73 10.63 4.81
C LEU B 163 -20.43 11.99 4.72
N SER B 164 -19.89 12.94 5.49
CA SER B 164 -20.40 14.30 5.55
C SER B 164 -19.37 15.15 6.26
N PHE B 165 -19.11 16.36 5.76
CA PHE B 165 -18.26 17.28 6.51
C PHE B 165 -19.04 18.24 7.40
N ASP B 166 -20.25 17.80 7.77
CA ASP B 166 -20.99 18.37 8.89
C ASP B 166 -20.89 17.36 10.03
N CYS B 167 -21.66 17.53 11.10
CA CYS B 167 -21.58 16.60 12.24
C CYS B 167 -22.90 16.40 12.98
N SER B 168 -23.74 15.55 12.42
CA SER B 168 -25.06 15.28 12.98
C SER B 168 -25.53 13.85 12.69
N ASN B 169 -26.22 13.25 13.65
CA ASN B 169 -26.80 11.92 13.49
C ASN B 169 -28.02 11.74 14.38
N PRO B 170 -28.99 10.90 13.95
CA PRO B 170 -30.24 10.72 14.68
C PRO B 170 -30.10 10.04 16.05
N LEU B 171 -28.90 9.60 16.39
CA LEU B 171 -28.65 8.92 17.67
C LEU B 171 -28.20 9.86 18.78
N PHE B 172 -27.08 10.55 18.56
CA PHE B 172 -26.51 11.42 19.60
C PHE B 172 -26.79 12.90 19.35
N GLY B 173 -27.39 13.22 18.22
CA GLY B 173 -27.79 14.58 17.90
C GLY B 173 -26.76 15.34 17.08
N GLN B 174 -26.75 16.65 17.29
CA GLN B 174 -25.98 17.56 16.45
C GLN B 174 -24.83 18.18 17.24
N THR B 175 -23.65 18.21 16.63
CA THR B 175 -22.49 18.87 17.22
C THR B 175 -22.36 20.27 16.62
N MET B 176 -22.04 21.24 17.47
CA MET B 176 -21.95 22.64 17.06
C MET B 176 -20.54 23.19 17.22
N ASN B 177 -20.22 24.20 16.40
CA ASN B 177 -18.93 24.87 16.43
C ASN B 177 -18.79 25.68 17.71
N PRO B 178 -17.68 25.46 18.46
CA PRO B 178 -17.42 26.17 19.71
C PRO B 178 -17.26 27.69 19.57
N TRP B 179 -17.04 28.15 18.34
CA TRP B 179 -16.92 29.58 18.07
C TRP B 179 -18.27 30.24 17.80
N LYS B 180 -19.11 29.57 16.99
CA LYS B 180 -20.43 30.10 16.65
C LYS B 180 -21.44 28.97 16.60
N SER B 181 -22.49 29.07 17.41
CA SER B 181 -23.51 28.03 17.55
C SER B 181 -24.21 27.62 16.25
N SER B 182 -24.44 28.60 15.36
CA SER B 182 -25.11 28.36 14.09
C SER B 182 -24.20 27.72 13.04
N LYS B 183 -22.93 27.54 13.38
CA LYS B 183 -21.94 27.01 12.44
C LYS B 183 -21.61 25.55 12.68
N SER B 184 -21.24 24.86 11.61
CA SER B 184 -20.77 23.48 11.66
C SER B 184 -19.35 23.38 12.24
N PRO B 185 -19.06 22.30 12.98
CA PRO B 185 -17.69 22.08 13.44
C PRO B 185 -16.83 21.38 12.38
N GLY B 186 -17.41 21.10 11.22
CA GLY B 186 -16.76 20.27 10.22
C GLY B 186 -16.99 18.80 10.49
N GLY B 187 -16.55 17.96 9.56
CA GLY B 187 -16.71 16.51 9.69
C GLY B 187 -15.72 15.77 8.80
N SER B 188 -15.58 14.46 9.01
CA SER B 188 -16.41 13.69 9.93
C SER B 188 -15.91 13.68 11.39
N SER B 189 -14.69 14.16 11.61
CA SER B 189 -14.14 14.23 12.96
C SER B 189 -14.60 15.50 13.67
N GLY B 190 -15.91 15.75 13.63
CA GLY B 190 -16.49 16.99 14.12
C GLY B 190 -16.41 17.14 15.62
N GLY B 191 -16.86 16.11 16.34
CA GLY B 191 -16.78 16.07 17.79
C GLY B 191 -15.38 16.37 18.28
N GLU B 192 -14.39 15.80 17.59
CA GLU B 192 -12.99 16.02 17.88
C GLU B 192 -12.60 17.49 17.74
N GLY B 193 -12.94 18.09 16.61
CA GLY B 193 -12.66 19.49 16.34
C GLY B 193 -13.28 20.40 17.37
N ALA B 194 -14.54 20.14 17.69
CA ALA B 194 -15.29 20.92 18.67
C ALA B 194 -14.68 20.85 20.07
N LEU B 195 -14.30 19.64 20.49
CA LEU B 195 -13.75 19.42 21.83
C LEU B 195 -12.36 20.04 22.00
N ILE B 196 -11.46 19.74 21.07
CA ILE B 196 -10.10 20.30 21.11
C ILE B 196 -10.11 21.82 20.88
N GLY B 197 -11.04 22.28 20.05
CA GLY B 197 -11.20 23.70 19.74
C GLY B 197 -11.63 24.57 20.91
N SER B 198 -12.23 23.97 21.91
CA SER B 198 -12.65 24.67 23.13
C SER B 198 -11.71 24.41 24.31
N GLY B 199 -10.69 23.60 24.08
CA GLY B 199 -9.74 23.25 25.14
C GLY B 199 -10.20 22.13 26.05
N GLY B 200 -11.12 21.30 25.54
CA GLY B 200 -11.60 20.15 26.28
C GLY B 200 -10.69 18.94 26.17
N SER B 201 -9.77 18.98 25.23
CA SER B 201 -8.80 17.90 25.01
C SER B 201 -7.49 18.46 24.44
N PRO B 202 -6.35 17.99 24.95
CA PRO B 202 -5.05 18.45 24.45
C PRO B 202 -4.59 17.71 23.18
N LEU B 203 -5.22 16.58 22.90
CA LEU B 203 -4.87 15.73 21.76
C LEU B 203 -6.03 14.79 21.42
N GLY B 204 -6.21 14.55 20.13
CA GLY B 204 -7.26 13.65 19.66
C GLY B 204 -6.88 12.93 18.37
N LEU B 205 -7.56 11.83 18.09
CA LEU B 205 -7.33 11.08 16.86
C LEU B 205 -8.57 11.11 15.98
N GLY B 206 -8.37 11.31 14.68
CA GLY B 206 -9.47 11.31 13.72
C GLY B 206 -9.08 10.53 12.48
N THR B 207 -10.04 10.36 11.57
CA THR B 207 -9.78 9.70 10.28
C THR B 207 -10.15 10.65 9.15
N ASP B 208 -9.60 10.38 7.96
CA ASP B 208 -9.69 11.29 6.83
C ASP B 208 -9.62 10.47 5.54
N ILE B 209 -10.76 10.35 4.85
CA ILE B 209 -10.80 9.72 3.53
C ILE B 209 -11.09 10.76 2.42
N GLY B 210 -11.42 11.98 2.85
CA GLY B 210 -11.67 13.09 1.91
C GLY B 210 -11.63 14.47 2.53
N GLY B 211 -10.89 14.61 3.63
CA GLY B 211 -10.76 15.88 4.34
C GLY B 211 -11.30 15.89 5.77
N SER B 212 -11.62 14.71 6.27
CA SER B 212 -12.30 14.56 7.55
C SER B 212 -11.48 14.86 8.80
N ILE B 213 -10.18 15.05 8.64
CA ILE B 213 -9.34 15.56 9.71
C ILE B 213 -9.17 17.05 9.52
N ARG B 214 -9.13 17.46 8.25
CA ARG B 214 -8.77 18.82 7.88
C ARG B 214 -9.92 19.83 7.96
N PHE B 215 -11.13 19.41 7.56
CA PHE B 215 -12.32 20.26 7.72
C PHE B 215 -12.56 20.65 9.19
N PRO B 216 -12.64 19.66 10.10
CA PRO B 216 -12.89 20.00 11.52
C PRO B 216 -11.75 20.80 12.14
N SER B 217 -10.53 20.56 11.69
CA SER B 217 -9.37 21.31 12.16
C SER B 217 -9.49 22.77 11.74
N ALA B 218 -9.81 23.01 10.47
CA ALA B 218 -9.89 24.36 9.93
C ALA B 218 -11.08 25.13 10.48
N PHE B 219 -12.21 24.45 10.60
CA PHE B 219 -13.46 25.08 11.04
C PHE B 219 -13.42 25.49 12.51
N CYS B 220 -12.72 24.69 13.33
CA CYS B 220 -12.66 24.92 14.77
C CYS B 220 -11.34 25.59 15.21
N GLY B 221 -10.49 25.89 14.24
CA GLY B 221 -9.25 26.61 14.48
C GLY B 221 -8.15 25.85 15.18
N ILE B 222 -7.97 24.59 14.82
CA ILE B 222 -6.92 23.75 15.40
C ILE B 222 -6.06 23.08 14.31
N CYS B 223 -4.97 22.45 14.74
CA CYS B 223 -4.06 21.75 13.84
C CYS B 223 -4.46 20.29 13.65
N GLY B 224 -4.30 19.80 12.43
CA GLY B 224 -4.55 18.40 12.12
C GLY B 224 -3.61 17.92 11.04
N LEU B 225 -3.29 16.63 11.07
CA LEU B 225 -2.45 16.02 10.05
C LEU B 225 -3.08 14.76 9.49
N LYS B 226 -3.15 14.67 8.17
CA LYS B 226 -3.53 13.44 7.51
C LYS B 226 -2.26 12.83 6.90
N PRO B 227 -1.72 11.77 7.54
CA PRO B 227 -0.52 11.14 7.02
C PRO B 227 -0.79 10.37 5.75
N THR B 228 0.25 9.76 5.18
CA THR B 228 0.08 8.79 4.09
C THR B 228 -0.77 7.64 4.62
N GLY B 229 -1.69 7.17 3.79
CA GLY B 229 -2.68 6.14 4.17
C GLY B 229 -2.20 5.03 5.09
N ASN B 230 -1.04 4.45 4.75
CA ASN B 230 -0.52 3.30 5.48
C ASN B 230 0.66 3.62 6.42
N ARG B 231 0.75 4.86 6.88
CA ARG B 231 1.79 5.26 7.82
C ARG B 231 1.41 4.79 9.23
N LEU B 232 0.11 4.79 9.51
CA LEU B 232 -0.43 4.29 10.77
C LEU B 232 -1.37 3.11 10.53
N SER B 233 -1.68 2.38 11.60
CA SER B 233 -2.52 1.18 11.51
C SER B 233 -4.01 1.53 11.45
N LYS B 234 -4.72 0.85 10.54
CA LYS B 234 -6.17 0.99 10.46
C LYS B 234 -6.85 -0.23 11.10
N SER B 235 -6.05 -1.12 11.67
CA SER B 235 -6.55 -2.38 12.23
C SER B 235 -7.48 -2.17 13.43
N GLY B 236 -8.77 -2.26 13.17
CA GLY B 236 -9.79 -2.13 14.22
C GLY B 236 -10.65 -0.88 14.11
N LEU B 237 -10.62 -0.24 12.95
CA LEU B 237 -11.44 0.95 12.70
C LEU B 237 -12.78 0.54 12.09
N LYS B 238 -13.86 1.05 12.68
CA LYS B 238 -15.20 0.78 12.16
C LYS B 238 -15.51 1.74 11.00
N GLY B 239 -16.03 1.17 9.92
CA GLY B 239 -16.43 1.95 8.74
C GLY B 239 -17.74 1.43 8.19
N CYS B 240 -18.34 2.19 7.28
CA CYS B 240 -19.57 1.77 6.60
C CYS B 240 -19.28 0.81 5.44
N VAL B 241 -18.17 1.03 4.74
CA VAL B 241 -17.75 0.15 3.65
C VAL B 241 -16.30 -0.30 3.79
N TYR B 242 -16.09 -1.60 3.59
CA TYR B 242 -14.76 -2.21 3.68
C TYR B 242 -14.26 -2.67 2.32
N GLY B 243 -12.94 -2.62 2.14
CA GLY B 243 -12.30 -3.14 0.93
C GLY B 243 -12.25 -2.19 -0.25
N GLN B 244 -12.48 -0.91 0.00
CA GLN B 244 -12.31 0.12 -1.00
C GLN B 244 -10.92 0.72 -0.79
N THR B 245 -10.04 0.50 -1.78
CA THR B 245 -8.62 0.87 -1.64
C THR B 245 -8.12 1.90 -2.65
N ALA B 246 -9.00 2.37 -3.53
CA ALA B 246 -8.64 3.37 -4.53
C ALA B 246 -8.32 4.72 -3.88
N VAL B 247 -9.31 5.29 -3.20
CA VAL B 247 -9.14 6.52 -2.43
C VAL B 247 -8.76 6.15 -1.01
N GLN B 248 -7.56 6.56 -0.60
CA GLN B 248 -6.94 6.10 0.64
C GLN B 248 -7.48 6.75 1.91
N LEU B 249 -7.87 5.91 2.86
CA LEU B 249 -8.25 6.35 4.20
C LEU B 249 -7.00 6.51 5.08
N SER B 250 -6.93 7.63 5.81
CA SER B 250 -5.82 7.89 6.72
C SER B 250 -6.34 8.29 8.08
N LEU B 251 -5.63 7.89 9.13
CA LEU B 251 -5.88 8.39 10.47
C LEU B 251 -4.70 9.22 10.92
N GLY B 252 -4.97 10.23 11.74
CA GLY B 252 -3.93 11.15 12.19
C GLY B 252 -4.35 11.97 13.39
N PRO B 253 -3.38 12.69 13.99
CA PRO B 253 -3.63 13.46 15.21
C PRO B 253 -4.30 14.81 14.96
N MET B 254 -4.96 15.32 16.01
CA MET B 254 -5.54 16.66 16.03
C MET B 254 -5.19 17.32 17.36
N ALA B 255 -4.71 18.55 17.31
CA ALA B 255 -4.21 19.25 18.51
C ALA B 255 -4.23 20.77 18.33
N ARG B 256 -3.90 21.49 19.39
CA ARG B 256 -3.95 22.95 19.39
C ARG B 256 -2.72 23.62 18.74
N ASP B 257 -1.64 22.84 18.58
CA ASP B 257 -0.45 23.33 17.88
C ASP B 257 0.26 22.19 17.14
N VAL B 258 1.23 22.54 16.29
CA VAL B 258 1.92 21.53 15.47
C VAL B 258 2.86 20.63 16.27
N GLU B 259 3.50 21.19 17.30
CA GLU B 259 4.42 20.43 18.16
C GLU B 259 3.73 19.25 18.84
N SER B 260 2.43 19.41 19.12
CA SER B 260 1.62 18.36 19.70
C SER B 260 1.34 17.24 18.69
N LEU B 261 1.10 17.62 17.44
CA LEU B 261 0.92 16.67 16.35
C LEU B 261 2.19 15.84 16.18
N ALA B 262 3.33 16.52 16.16
CA ALA B 262 4.64 15.89 16.00
C ALA B 262 4.97 14.91 17.13
N LEU B 263 4.70 15.32 18.36
CA LEU B 263 4.96 14.48 19.54
C LEU B 263 4.08 13.23 19.49
N CYS B 264 2.83 13.42 19.08
CA CYS B 264 1.90 12.31 18.92
C CYS B 264 2.39 11.29 17.89
N LEU B 265 2.81 11.76 16.72
CA LEU B 265 3.38 10.90 15.68
C LEU B 265 4.61 10.13 16.14
N LYS B 266 5.52 10.82 16.83
CA LYS B 266 6.72 10.18 17.37
C LYS B 266 6.35 9.03 18.31
N ALA B 267 5.32 9.24 19.12
CA ALA B 267 4.87 8.25 20.11
C ALA B 267 4.25 7.03 19.44
N LEU B 268 3.40 7.29 18.43
CA LEU B 268 2.74 6.23 17.68
C LEU B 268 3.71 5.40 16.84
N LEU B 269 4.68 6.08 16.22
CA LEU B 269 5.67 5.43 15.35
C LEU B 269 6.79 4.74 16.13
N CYS B 270 6.44 3.67 16.83
CA CYS B 270 7.38 2.94 17.69
C CYS B 270 7.27 1.42 17.52
N GLU B 271 8.14 0.68 18.22
CA GLU B 271 8.18 -0.78 18.17
C GLU B 271 6.83 -1.45 18.50
N HIS B 272 6.07 -0.85 19.41
CA HIS B 272 4.74 -1.35 19.75
C HIS B 272 3.80 -1.37 18.54
N LEU B 273 3.80 -0.30 17.76
CA LEU B 273 2.92 -0.20 16.58
C LEU B 273 3.34 -1.16 15.47
N PHE B 274 4.64 -1.42 15.36
CA PHE B 274 5.13 -2.26 14.28
C PHE B 274 5.06 -3.75 14.60
N THR B 275 4.98 -4.07 15.90
CA THR B 275 4.82 -5.44 16.37
C THR B 275 3.35 -5.86 16.34
N LEU B 276 2.47 -5.00 16.83
CA LEU B 276 1.04 -5.14 16.60
C LEU B 276 0.79 -4.60 15.21
N ASP B 277 0.15 -5.38 14.35
CA ASP B 277 -0.02 -5.01 12.93
C ASP B 277 1.31 -4.75 12.19
N PRO B 278 1.98 -5.83 11.75
CA PRO B 278 3.23 -5.76 11.01
C PRO B 278 3.06 -5.33 9.54
N THR B 279 1.85 -5.00 9.12
CA THR B 279 1.60 -4.55 7.74
C THR B 279 1.91 -3.07 7.56
N VAL B 280 2.25 -2.41 8.67
CA VAL B 280 2.65 -1.00 8.65
C VAL B 280 4.17 -0.92 8.48
N PRO B 281 4.65 -0.19 7.44
CA PRO B 281 6.09 -0.09 7.23
C PRO B 281 6.77 0.54 8.45
N PRO B 282 7.78 -0.15 9.01
CA PRO B 282 8.40 0.28 10.26
C PRO B 282 9.30 1.50 10.05
N LEU B 283 8.66 2.64 9.78
CA LEU B 283 9.34 3.91 9.56
C LEU B 283 9.31 4.77 10.83
N PRO B 284 10.43 4.79 11.59
CA PRO B 284 10.47 5.60 12.80
C PRO B 284 10.40 7.09 12.47
N PHE B 285 9.96 7.90 13.44
CA PHE B 285 9.83 9.33 13.24
C PHE B 285 11.20 9.98 13.04
N ARG B 286 11.47 10.41 11.81
CA ARG B 286 12.76 11.00 11.46
C ARG B 286 12.92 12.40 12.05
N GLU B 287 13.56 12.45 13.21
CA GLU B 287 13.72 13.67 14.01
C GLU B 287 14.54 14.73 13.29
N GLU B 288 15.60 14.30 12.59
CA GLU B 288 16.49 15.20 11.86
C GLU B 288 15.80 15.98 10.71
N VAL B 289 14.73 15.41 10.17
CA VAL B 289 13.95 16.06 9.11
C VAL B 289 13.00 17.10 9.72
N TYR B 290 12.32 16.72 10.80
CA TYR B 290 11.36 17.58 11.48
C TYR B 290 12.02 18.81 12.10
N ARG B 291 13.16 18.59 12.77
CA ARG B 291 13.87 19.68 13.45
C ARG B 291 14.77 20.49 12.51
N SER B 292 14.71 20.20 11.22
CA SER B 292 15.48 20.92 10.21
C SER B 292 15.00 22.35 10.04
N SER B 293 15.93 23.25 9.70
CA SER B 293 15.61 24.67 9.50
C SER B 293 16.22 25.24 8.21
N ARG B 294 16.54 24.36 7.27
CA ARG B 294 17.02 24.77 5.95
C ARG B 294 15.87 25.41 5.15
N PRO B 295 16.18 26.41 4.29
CA PRO B 295 15.12 27.02 3.46
C PRO B 295 14.46 26.01 2.52
N LEU B 296 13.16 26.18 2.29
CA LEU B 296 12.38 25.23 1.51
C LEU B 296 11.91 25.79 0.17
N ARG B 297 11.84 24.92 -0.84
CA ARG B 297 11.17 25.26 -2.10
C ARG B 297 9.69 24.91 -1.97
N VAL B 298 8.85 25.94 -1.87
CA VAL B 298 7.42 25.79 -1.62
C VAL B 298 6.61 26.08 -2.87
N GLY B 299 5.92 25.06 -3.36
CA GLY B 299 4.91 25.24 -4.41
C GLY B 299 3.65 25.81 -3.81
N TYR B 300 2.95 26.66 -4.54
CA TYR B 300 1.70 27.23 -4.03
C TYR B 300 0.65 27.45 -5.11
N TYR B 301 -0.62 27.36 -4.71
CA TYR B 301 -1.73 27.85 -5.54
C TYR B 301 -2.79 28.60 -4.75
N GLU B 302 -3.42 29.57 -5.41
CA GLU B 302 -4.41 30.46 -4.80
C GLU B 302 -5.82 29.91 -4.95
N THR B 303 -6.02 29.11 -5.99
CA THR B 303 -7.33 28.56 -6.32
C THR B 303 -7.12 27.29 -7.13
N ASP B 304 -7.99 26.32 -6.92
CA ASP B 304 -7.91 25.06 -7.65
C ASP B 304 -8.72 25.11 -8.94
N ASN B 305 -9.25 26.29 -9.26
CA ASN B 305 -10.13 26.53 -10.41
C ASN B 305 -11.36 25.62 -10.46
N TYR B 306 -11.77 25.14 -9.29
CA TYR B 306 -12.91 24.24 -9.17
C TYR B 306 -13.89 24.78 -8.14
N THR B 307 -13.43 24.92 -6.90
CA THR B 307 -14.18 25.61 -5.86
C THR B 307 -13.50 26.95 -5.63
N MET B 308 -14.24 28.03 -5.87
CA MET B 308 -13.72 29.38 -5.69
C MET B 308 -13.49 29.67 -4.22
N PRO B 309 -12.26 30.14 -3.88
CA PRO B 309 -11.94 30.47 -2.49
C PRO B 309 -12.76 31.64 -2.00
N SER B 310 -13.11 31.63 -0.72
CA SER B 310 -13.71 32.79 -0.08
C SER B 310 -12.63 33.86 0.08
N PRO B 311 -13.03 35.16 0.05
CA PRO B 311 -12.05 36.21 0.31
C PRO B 311 -11.19 35.96 1.57
N ALA B 312 -11.77 35.29 2.56
CA ALA B 312 -11.05 34.91 3.77
C ALA B 312 -9.95 33.88 3.48
N MET B 313 -10.28 32.87 2.68
CA MET B 313 -9.32 31.86 2.23
C MET B 313 -8.18 32.48 1.41
N ARG B 314 -8.54 33.28 0.42
CA ARG B 314 -7.56 33.91 -0.47
C ARG B 314 -6.57 34.79 0.29
N ARG B 315 -7.07 35.58 1.23
CA ARG B 315 -6.22 36.45 2.04
C ARG B 315 -5.25 35.63 2.90
N ALA B 316 -5.76 34.56 3.51
CA ALA B 316 -4.96 33.66 4.34
C ALA B 316 -3.81 33.04 3.54
N LEU B 317 -4.10 32.59 2.33
CA LEU B 317 -3.13 31.97 1.44
C LEU B 317 -2.04 32.94 0.97
N ILE B 318 -2.45 34.14 0.53
CA ILE B 318 -1.51 35.14 0.06
C ILE B 318 -0.57 35.62 1.16
N GLU B 319 -1.12 35.86 2.35
CA GLU B 319 -0.34 36.36 3.48
C GLU B 319 0.68 35.34 4.01
N THR B 320 0.30 34.07 4.02
CA THR B 320 1.23 33.02 4.42
C THR B 320 2.35 32.88 3.38
N LYS B 321 1.98 32.98 2.09
CA LYS B 321 2.96 32.99 1.00
C LYS B 321 4.00 34.10 1.18
N GLN B 322 3.53 35.30 1.47
CA GLN B 322 4.39 36.47 1.60
C GLN B 322 5.32 36.42 2.81
N ARG B 323 4.83 35.87 3.92
CA ARG B 323 5.64 35.67 5.13
C ARG B 323 6.73 34.63 4.89
N LEU B 324 6.39 33.56 4.16
CA LEU B 324 7.34 32.53 3.79
C LEU B 324 8.46 33.08 2.91
N GLU B 325 8.08 33.96 1.98
CA GLU B 325 9.05 34.66 1.13
C GLU B 325 10.01 35.51 1.96
N ALA B 326 9.44 36.29 2.86
CA ALA B 326 10.21 37.14 3.77
C ALA B 326 11.10 36.34 4.72
N ALA B 327 10.71 35.10 5.01
CA ALA B 327 11.49 34.20 5.85
C ALA B 327 12.74 33.69 5.11
N GLY B 328 12.67 33.64 3.79
CA GLY B 328 13.80 33.21 2.97
C GLY B 328 13.54 31.99 2.11
N HIS B 329 12.29 31.52 2.13
CA HIS B 329 11.88 30.40 1.30
C HIS B 329 11.56 30.90 -0.10
N THR B 330 11.78 30.03 -1.10
CA THR B 330 11.43 30.35 -2.48
C THR B 330 10.03 29.81 -2.82
N LEU B 331 9.18 30.68 -3.35
CA LEU B 331 7.77 30.37 -3.60
C LEU B 331 7.45 30.22 -5.08
N ILE B 332 6.98 29.04 -5.47
CA ILE B 332 6.78 28.70 -6.87
C ILE B 332 5.31 28.40 -7.15
N PRO B 333 4.72 29.11 -8.14
CA PRO B 333 3.37 28.78 -8.60
C PRO B 333 3.29 27.33 -9.09
N PHE B 334 2.32 26.58 -8.58
CA PHE B 334 2.19 25.16 -8.90
C PHE B 334 0.76 24.73 -8.70
N LEU B 335 0.22 23.98 -9.66
CA LEU B 335 -1.14 23.48 -9.56
C LEU B 335 -1.20 22.08 -10.17
N PRO B 336 -1.58 21.07 -9.37
CA PRO B 336 -1.74 19.71 -9.89
C PRO B 336 -2.60 19.70 -11.16
N ASN B 337 -2.13 18.98 -12.19
CA ASN B 337 -2.85 18.85 -13.45
C ASN B 337 -4.19 18.12 -13.27
N ASN B 338 -5.13 18.41 -14.17
CA ASN B 338 -6.40 17.69 -14.25
C ASN B 338 -7.12 17.43 -12.92
N ILE B 339 -7.30 18.49 -12.13
CA ILE B 339 -8.07 18.38 -10.89
C ILE B 339 -9.55 17.99 -11.14
N PRO B 340 -10.24 18.66 -12.09
CA PRO B 340 -11.62 18.23 -12.40
C PRO B 340 -11.74 16.72 -12.64
N TYR B 341 -10.77 16.14 -13.33
CA TYR B 341 -10.70 14.70 -13.55
C TYR B 341 -10.52 13.94 -12.25
N ALA B 342 -9.58 14.41 -11.44
CA ALA B 342 -9.20 13.73 -10.18
C ALA B 342 -10.35 13.63 -9.17
N LEU B 343 -11.24 14.62 -9.17
CA LEU B 343 -12.37 14.64 -8.25
C LEU B 343 -13.59 13.95 -8.85
N GLU B 344 -14.00 14.41 -10.03
CA GLU B 344 -15.24 13.97 -10.66
C GLU B 344 -15.24 12.50 -11.06
N VAL B 345 -14.10 12.00 -11.56
CA VAL B 345 -14.04 10.59 -11.99
C VAL B 345 -13.20 9.68 -11.08
N LEU B 346 -12.03 10.16 -10.65
CA LEU B 346 -11.17 9.33 -9.80
C LEU B 346 -11.68 9.21 -8.35
N SER B 347 -11.84 10.35 -7.67
CA SER B 347 -12.29 10.36 -6.26
C SER B 347 -13.75 9.96 -6.08
N ALA B 348 -14.64 10.57 -6.87
CA ALA B 348 -16.07 10.25 -6.81
C ALA B 348 -16.36 8.82 -7.25
N GLY B 349 -15.66 8.37 -8.29
CA GLY B 349 -15.82 7.00 -8.78
C GLY B 349 -15.17 5.97 -7.87
N GLY B 350 -14.08 6.34 -7.23
CA GLY B 350 -13.36 5.45 -6.31
C GLY B 350 -14.15 5.16 -5.06
N LEU B 351 -14.75 6.20 -4.49
CA LEU B 351 -15.55 6.07 -3.28
C LEU B 351 -16.92 5.43 -3.57
N PHE B 352 -17.37 5.50 -4.82
CA PHE B 352 -18.69 4.96 -5.18
C PHE B 352 -18.70 4.04 -6.41
N SER B 353 -17.69 3.17 -6.49
CA SER B 353 -17.52 2.23 -7.60
C SER B 353 -18.72 1.29 -7.77
N ASP B 354 -19.37 0.95 -6.66
CA ASP B 354 -20.51 0.05 -6.68
C ASP B 354 -21.85 0.80 -6.75
N GLY B 355 -21.76 2.11 -6.98
CA GLY B 355 -22.94 2.95 -7.03
C GLY B 355 -23.51 3.28 -5.67
N GLY B 356 -22.80 2.87 -4.62
CA GLY B 356 -23.20 3.12 -3.25
C GLY B 356 -24.12 2.05 -2.68
N ARG B 357 -24.15 0.88 -3.31
CA ARG B 357 -25.01 -0.20 -2.86
C ARG B 357 -24.59 -0.77 -1.51
N SER B 358 -23.28 -0.85 -1.27
CA SER B 358 -22.76 -1.30 0.02
C SER B 358 -22.96 -0.23 1.09
N PHE B 359 -22.81 1.04 0.67
CA PHE B 359 -23.03 2.18 1.55
C PHE B 359 -24.48 2.22 2.03
N LEU B 360 -25.41 2.04 1.08
CA LEU B 360 -26.85 2.11 1.36
C LEU B 360 -27.36 1.00 2.27
N GLN B 361 -26.54 -0.04 2.46
CA GLN B 361 -26.90 -1.16 3.34
C GLN B 361 -27.07 -0.74 4.80
N ASN B 362 -26.25 0.22 5.23
CA ASN B 362 -26.28 0.71 6.61
C ASN B 362 -27.51 1.55 6.95
N PHE B 363 -28.23 2.02 5.93
CA PHE B 363 -29.37 2.91 6.12
C PHE B 363 -30.72 2.20 6.11
N LYS B 364 -30.69 0.90 5.79
CA LYS B 364 -31.89 0.10 5.70
C LYS B 364 -32.71 0.19 6.99
N GLY B 365 -33.88 0.81 6.90
CA GLY B 365 -34.80 0.95 8.03
C GLY B 365 -34.40 1.99 9.07
N ASP B 366 -33.56 2.93 8.65
CA ASP B 366 -33.05 3.99 9.54
C ASP B 366 -33.51 5.37 9.06
N PHE B 367 -33.49 6.35 9.97
CA PHE B 367 -33.72 7.75 9.60
C PHE B 367 -32.51 8.27 8.83
N VAL B 368 -32.76 9.22 7.92
CA VAL B 368 -31.68 9.90 7.22
C VAL B 368 -31.53 11.33 7.72
N ASP B 369 -30.43 11.60 8.41
CA ASP B 369 -30.17 12.92 8.98
C ASP B 369 -30.13 13.99 7.89
N PRO B 370 -30.89 15.09 8.08
CA PRO B 370 -30.97 16.18 7.10
C PRO B 370 -29.59 16.74 6.68
N CYS B 371 -28.56 16.53 7.49
CA CYS B 371 -27.22 17.03 7.18
C CYS B 371 -26.55 16.25 6.06
N LEU B 372 -27.12 15.10 5.71
CA LEU B 372 -26.62 14.29 4.59
C LEU B 372 -27.11 14.79 3.23
N GLY B 373 -28.08 15.70 3.25
CA GLY B 373 -28.68 16.25 2.04
C GLY B 373 -29.46 15.22 1.26
N ASP B 374 -29.26 15.20 -0.06
CA ASP B 374 -29.96 14.27 -0.94
C ASP B 374 -29.10 13.08 -1.37
N LEU B 375 -27.94 12.92 -0.73
CA LEU B 375 -26.98 11.85 -1.05
C LEU B 375 -27.64 10.47 -1.11
N ILE B 376 -28.41 10.12 -0.07
CA ILE B 376 -29.11 8.83 0.00
C ILE B 376 -30.13 8.70 -1.13
N LEU B 377 -30.88 9.77 -1.38
CA LEU B 377 -31.88 9.79 -2.46
C LEU B 377 -31.23 9.60 -3.83
N ILE B 378 -30.13 10.31 -4.06
CA ILE B 378 -29.38 10.24 -5.32
C ILE B 378 -28.80 8.85 -5.56
N LEU B 379 -28.14 8.28 -4.54
CA LEU B 379 -27.53 6.95 -4.64
C LEU B 379 -28.53 5.80 -4.84
N ARG B 380 -29.76 5.98 -4.36
CA ARG B 380 -30.80 4.95 -4.47
C ARG B 380 -31.37 4.80 -5.89
N LEU B 381 -31.12 5.80 -6.73
CA LEU B 381 -31.60 5.81 -8.11
C LEU B 381 -30.92 4.71 -8.93
N PRO B 382 -31.69 4.02 -9.81
CA PRO B 382 -31.13 3.00 -10.70
C PRO B 382 -30.10 3.58 -11.68
N SER B 383 -29.12 2.78 -12.07
CA SER B 383 -28.00 3.20 -12.92
C SER B 383 -28.43 3.89 -14.21
N TRP B 384 -29.50 3.40 -14.83
CA TRP B 384 -29.98 3.98 -16.08
C TRP B 384 -30.52 5.38 -15.85
N PHE B 385 -31.20 5.59 -14.72
CA PHE B 385 -31.75 6.89 -14.35
C PHE B 385 -30.63 7.85 -13.95
N LYS B 386 -29.60 7.30 -13.32
CA LYS B 386 -28.38 8.02 -12.96
C LYS B 386 -27.72 8.56 -14.23
N ARG B 387 -27.71 7.72 -15.27
CA ARG B 387 -27.16 8.09 -16.58
C ARG B 387 -28.06 9.08 -17.31
N LEU B 388 -29.37 8.82 -17.32
CA LEU B 388 -30.33 9.70 -18.00
C LEU B 388 -30.28 11.13 -17.47
N LEU B 389 -30.32 11.28 -16.15
CA LEU B 389 -30.19 12.59 -15.51
C LEU B 389 -28.87 13.27 -15.84
N SER B 390 -27.81 12.47 -15.94
CA SER B 390 -26.45 12.96 -16.16
C SER B 390 -26.29 13.73 -17.46
N LEU B 391 -26.57 13.10 -18.59
CA LEU B 391 -26.46 13.80 -19.88
C LEU B 391 -27.59 14.81 -20.12
N LEU B 392 -28.60 14.80 -19.24
CA LEU B 392 -29.67 15.78 -19.27
C LEU B 392 -29.23 17.06 -18.54
N LEU B 393 -28.44 16.88 -17.50
CA LEU B 393 -27.88 18.01 -16.74
C LEU B 393 -26.63 18.59 -17.39
N LYS B 394 -25.90 17.75 -18.13
CA LYS B 394 -24.59 18.10 -18.70
C LYS B 394 -24.48 19.51 -19.33
N PRO B 395 -25.38 19.86 -20.29
CA PRO B 395 -25.25 21.17 -20.92
C PRO B 395 -25.21 22.37 -19.95
N LEU B 396 -26.08 22.36 -18.94
CA LEU B 396 -26.20 23.48 -17.99
C LEU B 396 -25.36 23.33 -16.72
N PHE B 397 -25.30 22.11 -16.21
CA PHE B 397 -24.59 21.85 -14.95
C PHE B 397 -23.62 20.66 -15.09
N PRO B 398 -22.41 20.93 -15.62
CA PRO B 398 -21.40 19.89 -15.88
C PRO B 398 -20.94 19.13 -14.62
N ARG B 399 -20.65 19.86 -13.54
CA ARG B 399 -20.18 19.28 -12.29
C ARG B 399 -21.14 18.23 -11.73
N LEU B 400 -22.42 18.59 -11.67
CA LEU B 400 -23.48 17.71 -11.17
C LEU B 400 -23.58 16.46 -12.03
N ALA B 401 -23.50 16.65 -13.35
CA ALA B 401 -23.57 15.55 -14.32
C ALA B 401 -22.42 14.56 -14.16
N ALA B 402 -21.20 15.09 -14.05
CA ALA B 402 -20.00 14.26 -13.90
C ALA B 402 -20.03 13.42 -12.61
N PHE B 403 -20.42 14.06 -11.51
CA PHE B 403 -20.58 13.37 -10.24
C PHE B 403 -21.66 12.28 -10.30
N LEU B 404 -22.84 12.63 -10.81
CA LEU B 404 -23.93 11.66 -11.02
C LEU B 404 -23.47 10.42 -11.76
N ASN B 405 -22.74 10.64 -12.86
CA ASN B 405 -22.28 9.55 -13.70
C ASN B 405 -21.26 8.63 -13.04
N SER B 406 -20.35 9.19 -12.25
CA SER B 406 -19.31 8.38 -11.62
C SER B 406 -19.79 7.71 -10.31
N MET B 407 -21.02 8.02 -9.89
CA MET B 407 -21.64 7.33 -8.76
C MET B 407 -22.54 6.18 -9.24
N ARG B 408 -22.16 5.56 -10.34
CA ARG B 408 -22.89 4.43 -10.92
C ARG B 408 -22.12 3.14 -10.67
N PRO B 409 -22.84 2.00 -10.52
CA PRO B 409 -22.22 0.68 -10.42
C PRO B 409 -21.30 0.34 -11.59
N ARG B 410 -20.26 -0.46 -11.34
CA ARG B 410 -19.30 -0.86 -12.36
C ARG B 410 -18.99 -2.33 -12.24
N SER B 411 -18.40 -2.89 -13.30
CA SER B 411 -17.81 -4.21 -13.25
C SER B 411 -16.45 -4.14 -12.57
N ALA B 412 -15.93 -5.29 -12.14
CA ALA B 412 -14.60 -5.37 -11.55
C ALA B 412 -13.53 -4.96 -12.55
N GLU B 413 -13.78 -5.24 -13.83
CA GLU B 413 -12.92 -4.79 -14.93
C GLU B 413 -12.75 -3.28 -14.93
N LYS B 414 -13.85 -2.55 -14.79
CA LYS B 414 -13.81 -1.09 -14.75
C LYS B 414 -13.23 -0.53 -13.44
N LEU B 415 -13.26 -1.33 -12.38
CA LEU B 415 -12.60 -0.96 -11.12
C LEU B 415 -11.08 -1.02 -11.30
N TRP B 416 -10.61 -2.07 -11.97
CA TRP B 416 -9.19 -2.19 -12.29
C TRP B 416 -8.71 -1.01 -13.13
N LYS B 417 -9.52 -0.64 -14.12
CA LYS B 417 -9.21 0.51 -14.97
C LYS B 417 -9.09 1.78 -14.13
N LEU B 418 -9.99 1.92 -13.16
CA LEU B 418 -9.99 3.08 -12.28
C LEU B 418 -8.78 3.09 -11.35
N GLN B 419 -8.49 1.95 -10.75
CA GLN B 419 -7.36 1.82 -9.84
C GLN B 419 -6.03 2.05 -10.55
N HIS B 420 -5.93 1.60 -11.80
CA HIS B 420 -4.77 1.89 -12.62
C HIS B 420 -4.67 3.39 -12.96
N GLU B 421 -5.81 4.01 -13.21
CA GLU B 421 -5.86 5.44 -13.51
C GLU B 421 -5.43 6.31 -12.33
N ILE B 422 -5.71 5.83 -11.12
CA ILE B 422 -5.32 6.52 -9.90
C ILE B 422 -3.81 6.46 -9.68
N GLU B 423 -3.20 5.31 -9.95
CA GLU B 423 -1.75 5.20 -9.77
C GLU B 423 -0.99 5.94 -10.88
N MET B 424 -1.59 6.00 -12.07
CA MET B 424 -1.05 6.81 -13.17
C MET B 424 -1.10 8.31 -12.86
N TYR B 425 -2.21 8.76 -12.29
CA TYR B 425 -2.38 10.17 -11.93
C TYR B 425 -1.42 10.57 -10.82
N ARG B 426 -1.29 9.68 -9.84
CA ARG B 426 -0.35 9.84 -8.73
C ARG B 426 1.07 10.08 -9.25
N GLN B 427 1.47 9.31 -10.26
CA GLN B 427 2.82 9.42 -10.81
C GLN B 427 2.98 10.67 -11.69
N SER B 428 1.88 11.16 -12.26
CA SER B 428 1.91 12.33 -13.13
C SER B 428 2.04 13.62 -12.33
N VAL B 429 1.41 13.64 -11.16
CA VAL B 429 1.54 14.78 -10.24
C VAL B 429 2.93 14.78 -9.62
N ILE B 430 3.42 13.59 -9.26
CA ILE B 430 4.80 13.45 -8.77
C ILE B 430 5.84 13.92 -9.79
N ALA B 431 5.66 13.55 -11.06
CA ALA B 431 6.53 14.02 -12.13
C ALA B 431 6.48 15.55 -12.25
N GLN B 432 5.27 16.10 -12.06
CA GLN B 432 5.03 17.54 -12.08
C GLN B 432 5.79 18.20 -10.92
N TRP B 433 5.64 17.60 -9.74
CA TRP B 433 6.33 18.02 -8.51
C TRP B 433 7.85 18.02 -8.67
N LYS B 434 8.39 16.94 -9.24
CA LYS B 434 9.84 16.75 -9.37
C LYS B 434 10.47 17.71 -10.36
N ALA B 435 9.77 17.97 -11.47
CA ALA B 435 10.23 18.90 -12.50
C ALA B 435 10.40 20.30 -11.93
N MET B 436 9.47 20.70 -11.07
CA MET B 436 9.51 22.02 -10.45
C MET B 436 10.42 22.03 -9.23
N ASN B 437 10.88 20.83 -8.83
CA ASN B 437 11.83 20.65 -7.74
C ASN B 437 11.31 21.16 -6.39
N LEU B 438 10.12 20.72 -6.01
CA LEU B 438 9.46 21.16 -4.80
C LEU B 438 9.88 20.33 -3.59
N ASP B 439 9.80 20.94 -2.41
CA ASP B 439 9.94 20.23 -1.15
C ASP B 439 8.56 20.00 -0.56
N VAL B 440 7.76 21.06 -0.56
CA VAL B 440 6.43 21.06 0.02
C VAL B 440 5.46 21.85 -0.87
N LEU B 441 4.17 21.81 -0.52
CA LEU B 441 3.13 22.47 -1.30
C LEU B 441 2.15 23.21 -0.40
N LEU B 442 1.89 24.48 -0.72
CA LEU B 442 0.96 25.31 0.03
C LEU B 442 -0.36 25.47 -0.73
N THR B 443 -1.45 25.21 -0.03
CA THR B 443 -2.77 25.08 -0.62
C THR B 443 -3.77 25.87 0.22
N PRO B 444 -4.79 26.47 -0.43
CA PRO B 444 -5.89 27.02 0.35
C PRO B 444 -6.68 25.90 1.03
N MET B 445 -7.21 26.18 2.22
CA MET B 445 -8.04 25.23 2.94
C MET B 445 -9.45 25.79 3.04
N LEU B 446 -10.46 24.96 2.74
CA LEU B 446 -11.85 25.42 2.79
C LEU B 446 -12.21 25.96 4.17
N GLY B 447 -12.75 27.18 4.18
CA GLY B 447 -13.14 27.88 5.41
C GLY B 447 -13.76 29.21 5.00
N PRO B 448 -14.31 30.00 5.95
CA PRO B 448 -14.38 29.96 7.43
C PRO B 448 -15.05 28.76 8.12
N ALA B 449 -16.23 28.35 7.64
CA ALA B 449 -17.03 27.28 8.27
C ALA B 449 -18.48 27.51 7.89
N LEU B 450 -19.08 26.49 7.30
CA LEU B 450 -20.41 26.60 6.73
C LEU B 450 -21.51 26.55 7.80
N ASP B 451 -22.69 27.05 7.44
CA ASP B 451 -23.87 27.02 8.31
C ASP B 451 -24.26 25.59 8.67
N LEU B 452 -24.97 25.46 9.79
CA LEU B 452 -25.16 24.18 10.46
C LEU B 452 -25.60 22.98 9.61
N ASN B 453 -26.52 23.17 8.66
CA ASN B 453 -26.94 22.03 7.82
C ASN B 453 -26.69 22.19 6.32
N THR B 454 -25.54 22.78 5.98
CA THR B 454 -25.25 23.11 4.59
C THR B 454 -24.19 22.25 3.87
N PRO B 455 -23.15 21.75 4.59
CA PRO B 455 -22.13 20.91 3.96
C PRO B 455 -22.69 19.78 3.09
N GLY B 456 -23.84 19.23 3.48
CA GLY B 456 -24.48 18.13 2.75
C GLY B 456 -24.96 18.49 1.35
N ARG B 457 -25.07 19.79 1.07
CA ARG B 457 -25.49 20.24 -0.25
C ARG B 457 -24.47 21.19 -0.89
N ALA B 458 -23.24 21.12 -0.40
CA ALA B 458 -22.11 21.80 -1.01
C ALA B 458 -20.95 20.81 -1.12
N THR B 459 -21.16 19.77 -1.92
CA THR B 459 -20.23 18.64 -2.02
C THR B 459 -18.95 19.01 -2.74
N GLY B 460 -19.06 19.90 -3.73
CA GLY B 460 -17.92 20.34 -4.53
C GLY B 460 -16.81 20.97 -3.71
N ALA B 461 -17.16 21.43 -2.51
CA ALA B 461 -16.22 22.10 -1.61
C ALA B 461 -15.09 21.20 -1.07
N ILE B 462 -15.26 19.87 -1.19
CA ILE B 462 -14.24 18.94 -0.74
C ILE B 462 -13.04 18.86 -1.68
N SER B 463 -13.09 19.65 -2.76
CA SER B 463 -12.07 19.65 -3.82
C SER B 463 -10.65 19.89 -3.31
N TYR B 464 -10.49 20.82 -2.37
CA TYR B 464 -9.17 21.15 -1.83
C TYR B 464 -8.55 20.03 -1.00
N THR B 465 -9.40 19.18 -0.43
CA THR B 465 -8.94 18.14 0.49
C THR B 465 -8.86 16.75 -0.17
N VAL B 466 -9.96 16.31 -0.77
CA VAL B 466 -10.08 14.95 -1.32
C VAL B 466 -9.02 14.64 -2.39
N LEU B 467 -8.49 15.69 -3.01
CA LEU B 467 -7.42 15.55 -4.01
C LEU B 467 -6.23 14.76 -3.45
N TYR B 468 -5.87 15.03 -2.19
CA TYR B 468 -4.67 14.46 -1.58
C TYR B 468 -4.92 13.14 -0.86
N ASN B 469 -6.19 12.75 -0.77
CA ASN B 469 -6.57 11.39 -0.39
C ASN B 469 -6.43 10.49 -1.60
N CYS B 470 -6.89 11.02 -2.74
CA CYS B 470 -6.79 10.38 -4.04
C CYS B 470 -5.33 10.19 -4.45
N LEU B 471 -4.52 11.23 -4.22
CA LEU B 471 -3.09 11.19 -4.47
C LEU B 471 -2.31 10.47 -3.37
N ASP B 472 -2.93 10.38 -2.18
CA ASP B 472 -2.31 9.77 -1.00
C ASP B 472 -1.00 10.47 -0.62
N PHE B 473 -1.10 11.77 -0.35
CA PHE B 473 0.01 12.60 0.09
C PHE B 473 -0.26 12.99 1.54
N PRO B 474 0.80 13.16 2.36
CA PRO B 474 0.61 13.79 3.67
C PRO B 474 0.04 15.20 3.47
N ALA B 475 -0.98 15.54 4.26
CA ALA B 475 -1.59 16.84 4.18
C ALA B 475 -2.00 17.30 5.57
N GLY B 476 -1.56 18.51 5.93
CA GLY B 476 -1.85 19.06 7.24
C GLY B 476 -2.51 20.42 7.14
N VAL B 477 -3.16 20.81 8.24
CA VAL B 477 -3.90 22.07 8.30
C VAL B 477 -3.49 22.85 9.56
N VAL B 478 -3.22 24.14 9.38
CA VAL B 478 -2.84 25.02 10.47
C VAL B 478 -3.57 26.37 10.38
N PRO B 479 -4.26 26.78 11.46
CA PRO B 479 -4.96 28.07 11.48
C PRO B 479 -3.98 29.23 11.41
N VAL B 480 -4.24 30.18 10.52
CA VAL B 480 -3.30 31.29 10.28
C VAL B 480 -3.90 32.67 10.52
N THR B 481 -5.23 32.76 10.45
CA THR B 481 -5.91 34.05 10.54
C THR B 481 -7.37 33.85 10.94
N THR B 482 -8.09 34.94 11.17
CA THR B 482 -9.52 34.88 11.42
C THR B 482 -10.25 35.82 10.45
N VAL B 483 -11.50 35.49 10.16
CA VAL B 483 -12.31 36.28 9.23
C VAL B 483 -12.56 37.68 9.79
N THR B 484 -12.10 38.70 9.08
CA THR B 484 -12.44 40.08 9.40
C THR B 484 -13.77 40.45 8.76
N ALA B 485 -14.36 41.56 9.22
CA ALA B 485 -15.63 42.05 8.69
C ALA B 485 -15.53 42.50 7.22
N GLU B 486 -14.33 42.88 6.80
CA GLU B 486 -14.08 43.20 5.39
C GLU B 486 -14.16 41.95 4.52
N ASP B 487 -13.63 40.83 5.03
CA ASP B 487 -13.72 39.53 4.34
C ASP B 487 -15.15 39.03 4.18
N ASP B 488 -15.96 39.21 5.22
CA ASP B 488 -17.33 38.72 5.25
C ASP B 488 -18.24 39.53 4.32
N ALA B 489 -17.92 40.81 4.17
CA ALA B 489 -18.66 41.71 3.30
C ALA B 489 -18.47 41.36 1.83
N GLN B 490 -17.26 40.92 1.48
CA GLN B 490 -16.93 40.56 0.10
C GLN B 490 -17.55 39.23 -0.35
N MET B 491 -18.15 38.50 0.60
CA MET B 491 -18.92 37.30 0.28
C MET B 491 -20.20 37.61 -0.50
N GLU B 492 -20.59 38.90 -0.50
CA GLU B 492 -21.75 39.36 -1.27
C GLU B 492 -21.45 39.39 -2.77
N LEU B 493 -20.17 39.56 -3.11
CA LEU B 493 -19.76 39.53 -4.51
C LEU B 493 -19.11 38.21 -4.92
N TYR B 494 -19.31 37.19 -4.08
CA TYR B 494 -18.85 35.83 -4.35
C TYR B 494 -19.75 35.17 -5.39
N LYS B 495 -19.20 34.95 -6.58
CA LYS B 495 -19.84 34.14 -7.62
C LYS B 495 -18.96 32.93 -7.85
N GLY B 496 -19.55 31.74 -8.00
CA GLY B 496 -18.76 30.53 -8.19
C GLY B 496 -18.12 30.43 -9.58
N TYR B 497 -17.48 29.30 -9.86
CA TYR B 497 -16.95 29.06 -11.20
C TYR B 497 -18.01 28.45 -12.11
N PHE B 498 -18.97 27.75 -11.50
CA PHE B 498 -19.99 27.02 -12.26
C PHE B 498 -21.38 27.62 -12.11
N GLY B 499 -21.63 28.29 -11.00
CA GLY B 499 -22.92 28.91 -10.73
C GLY B 499 -24.04 27.91 -10.45
N ASP B 500 -23.67 26.65 -10.23
CA ASP B 500 -24.63 25.59 -9.92
C ASP B 500 -25.03 25.62 -8.44
N ILE B 501 -25.92 24.71 -8.06
CA ILE B 501 -26.46 24.65 -6.69
C ILE B 501 -25.38 24.64 -5.59
N TRP B 502 -24.22 24.03 -5.87
CA TRP B 502 -23.13 23.97 -4.89
C TRP B 502 -22.48 25.33 -4.67
N ASP B 503 -22.37 26.11 -5.73
CA ASP B 503 -21.84 27.47 -5.64
C ASP B 503 -22.83 28.41 -4.95
N ILE B 504 -24.12 28.19 -5.21
CA ILE B 504 -25.17 29.01 -4.60
C ILE B 504 -25.21 28.80 -3.09
N ILE B 505 -25.18 27.53 -2.68
CA ILE B 505 -25.26 27.18 -1.25
C ILE B 505 -24.01 27.57 -0.48
N LEU B 506 -22.85 27.36 -1.10
CA LEU B 506 -21.57 27.77 -0.51
C LEU B 506 -21.50 29.28 -0.25
N LYS B 507 -22.07 30.06 -1.18
CA LYS B 507 -22.10 31.52 -1.04
C LYS B 507 -22.84 31.94 0.23
N LYS B 508 -24.04 31.40 0.45
CA LYS B 508 -24.85 31.74 1.61
C LYS B 508 -24.39 31.05 2.89
N ALA B 509 -23.67 29.93 2.76
CA ALA B 509 -23.24 29.14 3.92
C ALA B 509 -22.00 29.70 4.62
N MET B 510 -21.12 30.36 3.86
CA MET B 510 -19.90 30.94 4.42
C MET B 510 -20.08 32.37 4.93
N LYS B 511 -21.24 32.96 4.65
CA LYS B 511 -21.60 34.30 5.12
C LYS B 511 -21.83 34.34 6.62
N ASN B 512 -22.04 35.54 7.16
CA ASN B 512 -22.26 35.77 8.59
C ASN B 512 -21.27 34.96 9.43
N SER B 513 -19.99 35.26 9.25
CA SER B 513 -18.90 34.42 9.71
C SER B 513 -17.72 35.17 10.32
N VAL B 514 -17.94 36.43 10.71
CA VAL B 514 -16.87 37.28 11.27
C VAL B 514 -16.29 36.69 12.55
N GLY B 515 -14.96 36.67 12.63
CA GLY B 515 -14.27 36.21 13.84
C GLY B 515 -13.88 34.76 13.81
N LEU B 516 -14.43 34.01 12.85
CA LEU B 516 -14.15 32.58 12.73
C LEU B 516 -12.76 32.32 12.15
N PRO B 517 -12.09 31.26 12.62
CA PRO B 517 -10.72 30.95 12.17
C PRO B 517 -10.65 30.43 10.73
N VAL B 518 -9.64 30.89 9.99
CA VAL B 518 -9.35 30.43 8.64
C VAL B 518 -7.96 29.80 8.62
N ALA B 519 -7.84 28.66 7.96
CA ALA B 519 -6.60 27.91 7.93
C ALA B 519 -6.00 27.83 6.54
N VAL B 520 -4.84 27.18 6.46
CA VAL B 520 -4.13 26.95 5.21
C VAL B 520 -3.68 25.49 5.22
N GLN B 521 -3.44 24.92 4.03
CA GLN B 521 -3.10 23.51 3.93
C GLN B 521 -1.66 23.27 3.47
N CYS B 522 -0.96 22.37 4.15
CA CYS B 522 0.43 22.03 3.82
C CYS B 522 0.53 20.58 3.32
N VAL B 523 1.18 20.41 2.17
CA VAL B 523 1.29 19.10 1.53
C VAL B 523 2.76 18.72 1.30
N ALA B 524 3.06 17.43 1.43
CA ALA B 524 4.38 16.87 1.11
C ALA B 524 4.22 15.56 0.34
N LEU B 525 5.33 15.01 -0.16
CA LEU B 525 5.30 13.76 -0.91
C LEU B 525 5.03 12.56 0.01
N PRO B 526 4.53 11.43 -0.55
CA PRO B 526 4.23 10.26 0.28
C PRO B 526 5.40 9.89 1.20
N TRP B 527 5.05 9.54 2.45
CA TRP B 527 6.01 9.11 3.48
C TRP B 527 6.85 10.25 4.05
N GLN B 528 6.47 11.49 3.76
CA GLN B 528 7.23 12.65 4.20
C GLN B 528 6.50 13.48 5.25
N GLU B 529 5.80 12.81 6.18
CA GLU B 529 5.02 13.54 7.18
C GLU B 529 5.85 14.40 8.13
N GLU B 530 7.08 13.99 8.42
CA GLU B 530 7.97 14.80 9.26
C GLU B 530 8.44 16.07 8.53
N LEU B 531 8.56 16.01 7.20
CA LEU B 531 8.82 17.19 6.40
C LEU B 531 7.58 18.07 6.31
N CYS B 532 6.41 17.44 6.23
CA CYS B 532 5.13 18.13 6.23
C CYS B 532 4.91 18.90 7.53
N LEU B 533 5.28 18.28 8.66
CA LEU B 533 5.17 18.92 9.98
C LEU B 533 6.18 20.05 10.14
N ARG B 534 7.37 19.86 9.60
CA ARG B 534 8.41 20.89 9.59
C ARG B 534 7.87 22.15 8.89
N PHE B 535 7.15 21.95 7.80
CA PHE B 535 6.55 23.05 7.04
C PHE B 535 5.38 23.69 7.78
N MET B 536 4.53 22.86 8.38
CA MET B 536 3.40 23.34 9.18
C MET B 536 3.87 24.14 10.39
N ARG B 537 5.02 23.75 10.94
CA ARG B 537 5.64 24.44 12.06
C ARG B 537 6.14 25.83 11.65
N GLU B 538 6.61 25.94 10.40
CA GLU B 538 7.08 27.21 9.85
C GLU B 538 5.92 28.18 9.66
N VAL B 539 4.81 27.68 9.13
CA VAL B 539 3.61 28.48 8.93
C VAL B 539 3.04 28.97 10.25
N GLU B 540 2.94 28.07 11.24
CA GLU B 540 2.48 28.41 12.58
C GLU B 540 3.40 29.47 13.21
N GLN B 541 4.70 29.28 13.03
CA GLN B 541 5.73 30.14 13.61
C GLN B 541 5.69 31.54 13.03
N LEU B 542 5.34 31.64 11.74
CA LEU B 542 5.34 32.92 11.03
C LEU B 542 4.01 33.66 11.09
N MET B 543 2.91 32.92 11.17
CA MET B 543 1.57 33.51 11.16
C MET B 543 1.00 33.75 12.55
N THR B 544 1.34 32.87 13.48
CA THR B 544 0.99 33.07 14.89
C THR B 544 2.29 33.15 15.71
N PRO B 545 3.08 34.23 15.52
CA PRO B 545 4.46 34.24 16.02
C PRO B 545 4.58 34.15 17.54
N GLN B 546 3.46 34.27 18.24
CA GLN B 546 3.44 34.08 19.69
C GLN B 546 2.43 33.02 20.11
N LYS B 547 2.88 31.77 20.07
CA LYS B 547 2.07 30.63 20.47
C LYS B 547 2.96 29.55 21.12
N GLN B 548 3.13 29.67 22.44
CA GLN B 548 3.88 28.72 23.26
C GLN B 548 3.90 29.18 24.72
#